data_4MMO
#
_entry.id   4MMO
#
_cell.length_a   86.070
_cell.length_b   89.370
_cell.length_c   161.420
_cell.angle_alpha   90.00
_cell.angle_beta   90.00
_cell.angle_gamma   90.00
#
_symmetry.space_group_name_H-M   'P 21 21 21'
#
loop_
_entity.id
_entity.type
_entity.pdbx_description
1 polymer 'Sso-CP2 metallo-carboxypetidase'
2 non-polymer 'ZINC ION'
3 non-polymer 'SULFATE ION'
4 non-polymer GLYCEROL
5 water water
#
_entity_poly.entity_id   1
_entity_poly.type   'polypeptide(L)'
_entity_poly.pdbx_seq_one_letter_code
;MDEELYTLIEFLKKPSISATGEGIDETANYLKETVEKLLGVKANLEKTKGHPVVYAEINVNAKKTLLIYNHYDVQPVDPI
SEWKRAPFSATIENDRIYARGASDNKGTLMARLFAIKHLLDKNELNVNVKLLYEGEEEIGSVNLEDYIEKNTNKLKADSV
IMEGAGLDPKGRPQIVLGVKGLLYVELVLDYGTKDLHSSNAPLVRNPCIDLAKIISTLVDMGGRVLIEGFYDDVRELTEE
ERELIKKYDIDVEELKKALGFKELKYNEKEKIAEALLTYPTCNVDGFECGYTGKGSKTIVPHRAFAKLDFRLVPNQDPYK
VFELLKKHLQKAGFNGEILAHGFEYPVRTSVNSTVVKAMIESAKKVYGTEPQVIPNSAGTQPMGLFVYKLGIRDAVSAIG
AGGYYSNAHAPNENIKIDDYYKAIKHTEEFLKLYPIL
;
_entity_poly.pdbx_strand_id   A,B
#
loop_
_chem_comp.id
_chem_comp.type
_chem_comp.name
_chem_comp.formula
GOL non-polymer GLYCEROL 'C3 H8 O3'
SO4 non-polymer 'SULFATE ION' 'O4 S -2'
ZN non-polymer 'ZINC ION' 'Zn 2'
#
# COMPACT_ATOMS: atom_id res chain seq x y z
N MET A 1 8.33 -31.95 -36.67
CA MET A 1 8.60 -30.56 -36.21
C MET A 1 9.73 -29.93 -37.02
N ASP A 2 9.42 -28.85 -37.73
CA ASP A 2 10.40 -28.18 -38.57
C ASP A 2 11.27 -27.23 -37.76
N GLU A 3 12.30 -26.68 -38.40
CA GLU A 3 13.25 -25.80 -37.73
C GLU A 3 12.59 -24.55 -37.16
N GLU A 4 11.54 -24.07 -37.82
CA GLU A 4 10.85 -22.85 -37.39
C GLU A 4 10.27 -23.03 -35.99
N LEU A 5 9.60 -24.15 -35.78
CA LEU A 5 8.96 -24.41 -34.50
C LEU A 5 9.99 -24.80 -33.45
N TYR A 6 10.91 -25.68 -33.83
CA TYR A 6 11.92 -26.18 -32.90
C TYR A 6 12.75 -25.04 -32.32
N THR A 7 13.17 -24.11 -33.17
CA THR A 7 14.01 -23.01 -32.71
C THR A 7 13.24 -22.08 -31.79
N LEU A 8 11.96 -21.88 -32.06
CA LEU A 8 11.13 -21.05 -31.21
C LEU A 8 11.02 -21.65 -29.82
N ILE A 9 10.78 -22.97 -29.76
CA ILE A 9 10.69 -23.70 -28.49
C ILE A 9 12.00 -23.54 -27.70
N GLU A 10 13.11 -23.73 -28.39
CA GLU A 10 14.43 -23.57 -27.78
C GLU A 10 14.61 -22.17 -27.21
N PHE A 11 14.17 -21.16 -27.96
CA PHE A 11 14.25 -19.77 -27.54
C PHE A 11 13.39 -19.54 -26.29
N LEU A 12 12.18 -20.08 -26.32
CA LEU A 12 11.21 -19.88 -25.26
C LEU A 12 11.61 -20.56 -23.94
N LYS A 13 12.43 -21.60 -24.03
CA LYS A 13 12.84 -22.33 -22.84
C LYS A 13 13.88 -21.56 -22.04
N LYS A 14 14.49 -20.56 -22.67
CA LYS A 14 15.49 -19.74 -21.99
C LYS A 14 14.83 -18.58 -21.27
N PRO A 15 14.89 -18.56 -19.93
CA PRO A 15 14.32 -17.40 -19.25
C PRO A 15 15.16 -16.16 -19.49
N SER A 16 14.53 -15.00 -19.36
CA SER A 16 15.18 -13.73 -19.67
C SER A 16 14.35 -12.63 -19.03
N ILE A 17 14.11 -12.78 -17.74
CA ILE A 17 13.36 -11.79 -16.99
C ILE A 17 14.28 -10.60 -16.73
N SER A 18 13.96 -9.47 -17.33
CA SER A 18 14.79 -8.28 -17.20
C SER A 18 14.61 -7.63 -15.83
N ALA A 19 13.45 -7.87 -15.21
CA ALA A 19 13.15 -7.30 -13.90
C ALA A 19 14.15 -7.76 -12.85
N THR A 20 14.59 -9.02 -12.97
CA THR A 20 15.55 -9.61 -12.03
C THR A 20 16.92 -9.78 -12.69
N GLY A 21 16.93 -9.92 -14.00
CA GLY A 21 18.15 -10.14 -14.75
C GLY A 21 18.38 -11.61 -15.04
N GLU A 22 17.42 -12.44 -14.67
CA GLU A 22 17.57 -13.89 -14.74
C GLU A 22 17.57 -14.40 -16.18
N GLY A 23 18.74 -14.81 -16.65
CA GLY A 23 18.88 -15.44 -17.95
C GLY A 23 19.10 -14.47 -19.09
N ILE A 24 19.15 -13.18 -18.79
CA ILE A 24 19.33 -12.14 -19.78
C ILE A 24 20.55 -12.37 -20.67
N ASP A 25 21.72 -12.53 -20.06
CA ASP A 25 22.97 -12.63 -20.81
C ASP A 25 23.03 -13.89 -21.68
N GLU A 26 22.53 -15.00 -21.16
CA GLU A 26 22.50 -16.25 -21.92
C GLU A 26 21.61 -16.09 -23.15
N THR A 27 20.44 -15.52 -22.94
CA THR A 27 19.47 -15.33 -24.02
C THR A 27 20.05 -14.45 -25.12
N ALA A 28 20.65 -13.33 -24.73
CA ALA A 28 21.27 -12.41 -25.69
C ALA A 28 22.35 -13.11 -26.50
N ASN A 29 23.11 -13.99 -25.86
CA ASN A 29 24.18 -14.71 -26.53
C ASN A 29 23.63 -15.78 -27.48
N TYR A 30 22.61 -16.49 -27.03
CA TYR A 30 21.94 -17.46 -27.86
C TYR A 30 21.35 -16.76 -29.08
N LEU A 31 20.71 -15.63 -28.83
CA LEU A 31 20.04 -14.89 -29.90
C LEU A 31 21.07 -14.42 -30.93
N LYS A 32 22.18 -13.87 -30.46
CA LYS A 32 23.27 -13.48 -31.36
C LYS A 32 23.69 -14.67 -32.23
N GLU A 33 23.95 -15.81 -31.59
CA GLU A 33 24.42 -17.00 -32.30
C GLU A 33 23.37 -17.49 -33.28
N THR A 34 22.11 -17.46 -32.85
CA THR A 34 21.01 -17.92 -33.68
C THR A 34 20.84 -17.05 -34.92
N VAL A 35 21.00 -15.73 -34.76
CA VAL A 35 20.89 -14.82 -35.89
C VAL A 35 21.94 -15.16 -36.94
N GLU A 36 23.17 -15.37 -36.49
CA GLU A 36 24.27 -15.71 -37.38
C GLU A 36 24.02 -17.04 -38.08
N LYS A 37 23.51 -18.01 -37.33
CA LYS A 37 23.22 -19.32 -37.88
C LYS A 37 22.17 -19.23 -38.98
N LEU A 38 21.06 -18.57 -38.69
CA LEU A 38 19.91 -18.55 -39.58
C LEU A 38 20.12 -17.68 -40.82
N LEU A 39 20.73 -16.51 -40.65
CA LEU A 39 20.86 -15.54 -41.74
C LEU A 39 22.23 -15.55 -42.40
N GLY A 40 23.23 -16.12 -41.71
CA GLY A 40 24.56 -16.22 -42.27
C GLY A 40 25.31 -14.90 -42.35
N VAL A 41 24.90 -13.95 -41.51
CA VAL A 41 25.59 -12.67 -41.38
C VAL A 41 26.24 -12.57 -40.01
N LYS A 42 27.02 -11.53 -39.79
CA LYS A 42 27.63 -11.28 -38.50
C LYS A 42 26.65 -10.54 -37.57
N ALA A 43 26.48 -11.07 -36.36
CA ALA A 43 25.65 -10.42 -35.34
C ALA A 43 26.54 -10.02 -34.16
N ASN A 44 26.19 -8.92 -33.51
CA ASN A 44 27.02 -8.36 -32.45
C ASN A 44 26.25 -8.13 -31.15
N LEU A 45 26.84 -8.58 -30.04
CA LEU A 45 26.40 -8.16 -28.72
C LEU A 45 27.05 -6.83 -28.43
N GLU A 46 26.23 -5.79 -28.33
CA GLU A 46 26.72 -4.45 -28.05
C GLU A 46 26.36 -4.04 -26.63
N LYS A 47 27.33 -3.49 -25.93
CA LYS A 47 27.19 -3.20 -24.50
C LYS A 47 26.42 -1.91 -24.28
N THR A 48 25.69 -1.89 -23.16
CA THR A 48 25.02 -0.68 -22.70
C THR A 48 25.27 -0.58 -21.21
N LYS A 49 24.78 0.49 -20.58
CA LYS A 49 24.93 0.65 -19.14
C LYS A 49 24.15 -0.43 -18.40
N GLY A 50 23.32 -1.18 -19.12
CA GLY A 50 22.58 -2.31 -18.56
C GLY A 50 22.65 -3.53 -19.46
N HIS A 51 21.48 -4.14 -19.70
CA HIS A 51 21.43 -5.36 -20.51
C HIS A 51 21.90 -5.09 -21.94
N PRO A 52 22.51 -6.10 -22.58
CA PRO A 52 23.13 -5.87 -23.89
C PRO A 52 22.12 -5.86 -25.03
N VAL A 53 22.54 -5.30 -26.16
CA VAL A 53 21.71 -5.23 -27.36
C VAL A 53 22.30 -6.13 -28.43
N VAL A 54 21.45 -6.92 -29.09
CA VAL A 54 21.88 -7.71 -30.24
C VAL A 54 21.61 -6.92 -31.52
N TYR A 55 22.65 -6.74 -32.32
CA TYR A 55 22.55 -6.01 -33.56
C TYR A 55 23.08 -6.83 -34.74
N ALA A 56 22.45 -6.66 -35.89
CA ALA A 56 22.91 -7.32 -37.11
C ALA A 56 22.39 -6.56 -38.33
N GLU A 57 23.17 -6.59 -39.40
CA GLU A 57 22.77 -5.98 -40.65
C GLU A 57 22.76 -7.03 -41.75
N ILE A 58 21.66 -7.07 -42.49
CA ILE A 58 21.55 -7.90 -43.68
C ILE A 58 21.49 -6.95 -44.88
N ASN A 59 22.62 -6.78 -45.55
CA ASN A 59 22.71 -5.89 -46.70
C ASN A 59 22.64 -6.65 -48.02
N VAL A 60 21.69 -6.26 -48.86
CA VAL A 60 21.55 -6.83 -50.20
C VAL A 60 21.63 -5.73 -51.26
N ASN A 61 22.29 -4.63 -50.92
CA ASN A 61 22.49 -3.51 -51.84
C ASN A 61 21.18 -2.94 -52.40
N ALA A 62 20.11 -3.04 -51.62
CA ALA A 62 18.82 -2.49 -52.03
C ALA A 62 18.77 -1.00 -51.71
N LYS A 63 17.86 -0.29 -52.36
CA LYS A 63 17.72 1.14 -52.19
C LYS A 63 17.06 1.49 -50.86
N LYS A 64 16.22 0.59 -50.36
CA LYS A 64 15.50 0.82 -49.10
C LYS A 64 16.11 0.05 -47.95
N THR A 65 16.10 0.65 -46.76
CA THR A 65 16.62 0.02 -45.56
C THR A 65 15.56 0.02 -44.46
N LEU A 66 15.28 -1.17 -43.93
CA LEU A 66 14.32 -1.34 -42.86
C LEU A 66 15.00 -1.66 -41.53
N LEU A 67 14.63 -0.92 -40.48
CA LEU A 67 15.09 -1.19 -39.13
C LEU A 67 14.01 -1.98 -38.39
N ILE A 68 14.36 -3.17 -37.90
CA ILE A 68 13.41 -4.02 -37.19
C ILE A 68 13.74 -4.07 -35.69
N TYR A 69 12.78 -3.70 -34.87
CA TYR A 69 12.94 -3.69 -33.42
C TYR A 69 12.14 -4.81 -32.76
N ASN A 70 12.79 -5.55 -31.87
CA ASN A 70 12.12 -6.51 -31.00
C ASN A 70 12.84 -6.54 -29.66
N HIS A 71 12.28 -7.23 -28.67
CA HIS A 71 12.95 -7.37 -27.38
C HIS A 71 12.93 -8.81 -26.90
N TYR A 72 14.08 -9.29 -26.43
CA TYR A 72 14.23 -10.68 -26.01
C TYR A 72 13.90 -10.88 -24.53
N ASP A 73 13.75 -9.79 -23.78
CA ASP A 73 13.39 -9.89 -22.37
C ASP A 73 11.89 -10.09 -22.22
N VAL A 74 11.50 -10.74 -21.13
CA VAL A 74 10.10 -11.05 -20.85
C VAL A 74 9.68 -10.57 -19.46
N GLN A 75 8.38 -10.58 -19.21
CA GLN A 75 7.84 -10.19 -17.91
C GLN A 75 8.14 -11.28 -16.87
N PRO A 76 8.14 -10.91 -15.57
CA PRO A 76 8.31 -11.92 -14.52
C PRO A 76 7.14 -12.91 -14.55
N VAL A 77 7.25 -14.01 -13.80
CA VAL A 77 6.25 -15.08 -13.87
C VAL A 77 5.62 -15.37 -12.51
N ASP A 78 5.91 -14.55 -11.52
CA ASP A 78 5.33 -14.74 -10.20
C ASP A 78 3.87 -14.31 -10.20
N PRO A 79 2.99 -15.06 -9.51
CA PRO A 79 3.27 -16.24 -8.70
C PRO A 79 3.25 -17.54 -9.49
N ILE A 80 4.31 -18.34 -9.36
CA ILE A 80 4.47 -19.58 -10.12
C ILE A 80 3.29 -20.53 -9.91
N SER A 81 2.64 -20.41 -8.76
CA SER A 81 1.54 -21.33 -8.41
C SER A 81 0.37 -21.25 -9.39
N GLU A 82 0.14 -20.06 -9.95
CA GLU A 82 -0.99 -19.86 -10.86
C GLU A 82 -0.74 -20.46 -12.24
N TRP A 83 0.51 -20.80 -12.53
CA TRP A 83 0.87 -21.41 -13.81
C TRP A 83 0.55 -22.91 -13.83
N LYS A 84 -0.18 -23.35 -14.85
CA LYS A 84 -0.53 -24.77 -14.98
C LYS A 84 0.66 -25.57 -15.47
N ARG A 85 1.48 -24.96 -16.32
CA ARG A 85 2.70 -25.56 -16.82
C ARG A 85 3.82 -24.59 -16.46
N ALA A 86 5.04 -25.10 -16.29
CA ALA A 86 6.16 -24.25 -15.90
C ALA A 86 6.30 -23.11 -16.91
N PRO A 87 6.46 -21.86 -16.41
CA PRO A 87 6.50 -20.67 -17.28
C PRO A 87 7.45 -20.77 -18.47
N PHE A 88 8.52 -21.56 -18.35
CA PHE A 88 9.50 -21.67 -19.43
C PHE A 88 9.64 -23.08 -19.98
N SER A 89 8.60 -23.89 -19.81
CA SER A 89 8.61 -25.24 -20.36
C SER A 89 8.38 -25.22 -21.88
N ALA A 90 7.69 -24.20 -22.37
CA ALA A 90 7.30 -24.13 -23.78
C ALA A 90 6.59 -25.41 -24.18
N THR A 91 5.67 -25.84 -23.32
CA THR A 91 4.91 -27.06 -23.53
C THR A 91 3.96 -26.88 -24.71
N ILE A 92 3.90 -27.91 -25.55
CA ILE A 92 2.94 -27.92 -26.66
C ILE A 92 1.70 -28.69 -26.24
N GLU A 93 0.55 -28.05 -26.36
CA GLU A 93 -0.72 -28.67 -26.03
C GLU A 93 -1.85 -27.90 -26.68
N ASN A 94 -2.80 -28.63 -27.27
CA ASN A 94 -3.91 -28.03 -28.00
C ASN A 94 -3.41 -27.15 -29.14
N ASP A 95 -2.36 -27.59 -29.82
CA ASP A 95 -1.78 -26.86 -30.93
C ASP A 95 -1.35 -25.45 -30.52
N ARG A 96 -0.98 -25.31 -29.24
CA ARG A 96 -0.52 -24.05 -28.71
C ARG A 96 0.78 -24.26 -27.95
N ILE A 97 1.61 -23.22 -27.86
CA ILE A 97 2.83 -23.26 -27.09
C ILE A 97 2.63 -22.44 -25.83
N TYR A 98 2.92 -23.03 -24.67
CA TYR A 98 2.70 -22.36 -23.39
C TYR A 98 4.01 -21.94 -22.75
N ALA A 99 4.28 -20.65 -22.79
CA ALA A 99 5.48 -20.10 -22.15
C ALA A 99 5.37 -18.59 -21.98
N ARG A 100 5.97 -18.07 -20.92
CA ARG A 100 6.17 -16.63 -20.80
C ARG A 100 7.03 -16.19 -21.98
N GLY A 101 6.58 -15.15 -22.67
CA GLY A 101 7.30 -14.62 -23.82
C GLY A 101 6.83 -15.13 -25.16
N ALA A 102 5.81 -15.98 -25.17
CA ALA A 102 5.32 -16.57 -26.41
C ALA A 102 4.73 -15.50 -27.34
N SER A 103 3.93 -14.62 -26.74
CA SER A 103 3.30 -13.51 -27.46
C SER A 103 4.17 -12.26 -27.40
N ASP A 104 4.60 -11.91 -26.19
CA ASP A 104 5.38 -10.70 -25.94
C ASP A 104 6.76 -11.10 -25.42
N ASN A 105 7.79 -11.21 -26.27
CA ASN A 105 7.77 -10.81 -27.68
C ASN A 105 8.64 -11.76 -28.52
N LYS A 106 8.85 -12.98 -28.01
CA LYS A 106 9.78 -13.92 -28.65
C LYS A 106 9.23 -14.59 -29.91
N GLY A 107 7.96 -14.97 -29.88
CA GLY A 107 7.32 -15.60 -31.02
C GLY A 107 7.36 -14.69 -32.24
N THR A 108 6.96 -13.44 -32.03
CA THR A 108 6.97 -12.44 -33.10
C THR A 108 8.41 -12.15 -33.55
N LEU A 109 9.33 -12.15 -32.60
CA LEU A 109 10.73 -11.88 -32.91
C LEU A 109 11.29 -12.96 -33.82
N MET A 110 10.94 -14.20 -33.51
CA MET A 110 11.51 -15.36 -34.20
C MET A 110 10.84 -15.56 -35.56
N ALA A 111 9.54 -15.29 -35.63
CA ALA A 111 8.80 -15.37 -36.88
C ALA A 111 9.47 -14.48 -37.93
N ARG A 112 9.74 -13.23 -37.54
CA ARG A 112 10.35 -12.27 -38.44
C ARG A 112 11.71 -12.78 -38.94
N LEU A 113 12.48 -13.39 -38.04
CA LEU A 113 13.79 -13.92 -38.38
C LEU A 113 13.70 -15.01 -39.44
N PHE A 114 12.73 -15.90 -39.28
CA PHE A 114 12.57 -17.01 -40.21
C PHE A 114 12.00 -16.53 -41.56
N ALA A 115 11.22 -15.46 -41.54
CA ALA A 115 10.75 -14.84 -42.79
C ALA A 115 11.95 -14.33 -43.59
N ILE A 116 12.84 -13.62 -42.91
CA ILE A 116 14.02 -13.06 -43.56
C ILE A 116 14.86 -14.19 -44.15
N LYS A 117 15.00 -15.26 -43.38
CA LYS A 117 15.76 -16.43 -43.80
C LYS A 117 15.20 -17.01 -45.09
N HIS A 118 13.87 -17.16 -45.12
CA HIS A 118 13.21 -17.75 -46.28
C HIS A 118 13.49 -16.92 -47.53
N LEU A 119 13.33 -15.61 -47.43
CA LEU A 119 13.56 -14.73 -48.56
C LEU A 119 15.03 -14.78 -48.99
N LEU A 120 15.95 -14.82 -48.04
CA LEU A 120 17.37 -14.94 -48.35
C LEU A 120 17.66 -16.25 -49.09
N ASP A 121 17.05 -17.33 -48.62
CA ASP A 121 17.26 -18.65 -49.20
C ASP A 121 16.77 -18.74 -50.65
N LYS A 122 15.93 -17.79 -51.05
CA LYS A 122 15.38 -17.77 -52.41
C LYS A 122 15.89 -16.58 -53.21
N ASN A 123 16.82 -15.83 -52.63
CA ASN A 123 17.31 -14.59 -53.24
C ASN A 123 16.16 -13.65 -53.60
N GLU A 124 15.21 -13.52 -52.69
CA GLU A 124 14.03 -12.68 -52.89
C GLU A 124 13.98 -11.47 -51.95
N LEU A 125 15.03 -11.27 -51.16
CA LEU A 125 15.08 -10.12 -50.25
C LEU A 125 15.57 -8.88 -50.98
N ASN A 126 14.70 -7.88 -51.09
CA ASN A 126 15.00 -6.66 -51.84
C ASN A 126 14.90 -5.42 -50.98
N VAL A 127 15.22 -5.59 -49.70
CA VAL A 127 15.31 -4.50 -48.75
C VAL A 127 16.40 -4.82 -47.75
N ASN A 128 17.27 -3.86 -47.49
CA ASN A 128 18.29 -4.03 -46.47
C ASN A 128 17.61 -4.05 -45.11
N VAL A 129 18.05 -4.97 -44.25
CA VAL A 129 17.44 -5.13 -42.94
C VAL A 129 18.47 -4.95 -41.84
N LYS A 130 18.15 -4.07 -40.90
CA LYS A 130 18.95 -3.90 -39.68
C LYS A 130 18.11 -4.37 -38.51
N LEU A 131 18.70 -5.23 -37.68
CA LEU A 131 18.02 -5.82 -36.53
C LEU A 131 18.51 -5.20 -35.24
N LEU A 132 17.58 -4.84 -34.37
CA LEU A 132 17.92 -4.28 -33.07
C LEU A 132 17.06 -4.90 -31.98
N TYR A 133 17.66 -5.84 -31.25
CA TYR A 133 16.97 -6.54 -30.17
C TYR A 133 17.51 -6.10 -28.81
N GLU A 134 16.65 -5.47 -28.01
CA GLU A 134 17.04 -5.03 -26.66
C GLU A 134 16.54 -6.00 -25.59
N GLY A 135 17.03 -5.82 -24.37
CA GLY A 135 16.70 -6.69 -23.25
C GLY A 135 16.09 -5.97 -22.07
N GLU A 136 15.60 -4.75 -22.27
CA GLU A 136 15.06 -3.93 -21.19
C GLU A 136 13.68 -3.35 -21.48
N GLU A 137 13.00 -3.86 -22.50
CA GLU A 137 11.70 -3.32 -22.89
C GLU A 137 10.70 -3.42 -21.75
N GLU A 138 10.75 -4.52 -21.02
CA GLU A 138 9.81 -4.76 -19.92
C GLU A 138 10.13 -3.92 -18.68
N ILE A 139 11.29 -3.28 -18.67
CA ILE A 139 11.67 -2.38 -17.58
C ILE A 139 11.89 -0.96 -18.09
N GLY A 140 11.16 -0.58 -19.14
CA GLY A 140 11.12 0.79 -19.60
C GLY A 140 12.25 1.21 -20.55
N SER A 141 13.05 0.25 -21.00
CA SER A 141 14.13 0.54 -21.96
C SER A 141 15.04 1.64 -21.43
N VAL A 142 15.38 1.56 -20.15
CA VAL A 142 16.11 2.62 -19.46
C VAL A 142 17.40 3.01 -20.16
N ASN A 143 18.18 2.03 -20.60
CA ASN A 143 19.47 2.29 -21.19
C ASN A 143 19.51 2.25 -22.72
N LEU A 144 18.34 2.24 -23.36
CA LEU A 144 18.29 2.10 -24.81
C LEU A 144 18.62 3.39 -25.55
N GLU A 145 18.19 4.53 -24.99
CA GLU A 145 18.41 5.81 -25.65
C GLU A 145 19.89 6.13 -25.75
N ASP A 146 20.63 5.91 -24.66
CA ASP A 146 22.07 6.18 -24.64
C ASP A 146 22.78 5.41 -25.74
N TYR A 147 22.35 4.17 -25.95
CA TYR A 147 22.93 3.37 -27.02
C TYR A 147 22.59 3.93 -28.40
N ILE A 148 21.35 4.36 -28.58
CA ILE A 148 20.90 4.85 -29.89
C ILE A 148 21.56 6.18 -30.24
N GLU A 149 21.71 7.05 -29.25
CA GLU A 149 22.28 8.37 -29.50
C GLU A 149 23.75 8.31 -29.93
N LYS A 150 24.42 7.22 -29.61
CA LYS A 150 25.83 7.05 -29.99
C LYS A 150 25.98 6.27 -31.29
N ASN A 151 24.88 5.76 -31.82
CA ASN A 151 24.90 4.92 -33.02
C ASN A 151 23.88 5.38 -34.07
N THR A 152 23.60 6.68 -34.12
CA THR A 152 22.60 7.21 -35.03
C THR A 152 22.94 6.92 -36.50
N ASN A 153 24.20 7.13 -36.89
CA ASN A 153 24.60 6.86 -38.27
C ASN A 153 24.47 5.37 -38.59
N LYS A 154 24.93 4.52 -37.67
CA LYS A 154 24.88 3.08 -37.89
C LYS A 154 23.45 2.56 -38.06
N LEU A 155 22.50 3.21 -37.39
CA LEU A 155 21.12 2.75 -37.35
C LEU A 155 20.23 3.39 -38.40
N LYS A 156 20.82 4.19 -39.28
CA LYS A 156 20.05 4.90 -40.30
C LYS A 156 19.22 3.92 -41.14
N ALA A 157 17.94 4.25 -41.30
CA ALA A 157 17.03 3.43 -42.09
C ALA A 157 15.89 4.32 -42.60
N ASP A 158 15.22 3.90 -43.66
CA ASP A 158 14.12 4.67 -44.23
C ASP A 158 12.83 4.44 -43.48
N SER A 159 12.72 3.30 -42.81
CA SER A 159 11.53 3.00 -42.03
C SER A 159 11.87 2.04 -40.89
N VAL A 160 10.95 1.94 -39.94
CA VAL A 160 11.14 1.09 -38.79
C VAL A 160 9.84 0.39 -38.43
N ILE A 161 9.95 -0.89 -38.05
CA ILE A 161 8.82 -1.60 -37.47
C ILE A 161 9.13 -1.96 -36.02
N MET A 162 8.17 -1.66 -35.14
CA MET A 162 8.36 -1.88 -33.71
C MET A 162 8.09 -3.35 -33.37
N GLU A 163 7.89 -3.65 -32.08
CA GLU A 163 7.89 -5.04 -31.63
C GLU A 163 6.77 -5.85 -32.28
N GLY A 164 5.70 -5.17 -32.68
CA GLY A 164 4.60 -5.80 -33.38
C GLY A 164 3.30 -5.78 -32.59
N ALA A 165 2.28 -6.41 -33.15
CA ALA A 165 0.95 -6.40 -32.55
C ALA A 165 0.21 -7.68 -32.90
N GLY A 166 -0.47 -8.26 -31.92
CA GLY A 166 -1.18 -9.51 -32.12
C GLY A 166 -2.57 -9.33 -32.73
N LEU A 167 -3.30 -10.43 -32.83
CA LEU A 167 -4.65 -10.42 -33.36
C LEU A 167 -5.63 -9.88 -32.32
N ASP A 168 -6.61 -9.12 -32.78
CA ASP A 168 -7.60 -8.53 -31.89
C ASP A 168 -8.61 -9.61 -31.47
N PRO A 169 -9.59 -9.27 -30.61
CA PRO A 169 -10.55 -10.27 -30.14
C PRO A 169 -11.32 -11.00 -31.26
N LYS A 170 -11.51 -10.34 -32.39
CA LYS A 170 -12.20 -10.96 -33.52
C LYS A 170 -11.26 -11.80 -34.38
N GLY A 171 -9.96 -11.71 -34.08
CA GLY A 171 -8.96 -12.48 -34.80
C GLY A 171 -8.39 -11.76 -36.00
N ARG A 172 -8.64 -10.46 -36.09
CA ARG A 172 -8.12 -9.65 -37.18
C ARG A 172 -6.75 -9.10 -36.81
N PRO A 173 -5.81 -9.05 -37.77
CA PRO A 173 -4.51 -8.46 -37.45
C PRO A 173 -4.62 -6.98 -37.12
N GLN A 174 -3.72 -6.47 -36.29
CA GLN A 174 -3.75 -5.07 -35.86
C GLN A 174 -2.54 -4.28 -36.35
N ILE A 175 -2.82 -3.06 -36.78
CA ILE A 175 -1.78 -2.14 -37.26
C ILE A 175 -1.83 -0.93 -36.33
N VAL A 176 -0.71 -0.63 -35.70
CA VAL A 176 -0.66 0.41 -34.68
C VAL A 176 0.35 1.49 -35.07
N LEU A 177 -0.13 2.73 -35.17
CA LEU A 177 0.65 3.82 -35.73
C LEU A 177 1.26 4.73 -34.67
N GLY A 178 1.42 4.23 -33.45
CA GLY A 178 1.98 5.05 -32.39
C GLY A 178 1.87 4.47 -31.00
N VAL A 179 2.26 5.27 -30.01
CA VAL A 179 2.17 4.88 -28.60
C VAL A 179 1.93 6.10 -27.73
N LYS A 180 1.35 5.88 -26.56
CA LYS A 180 1.30 6.91 -25.55
C LYS A 180 2.66 7.01 -24.88
N GLY A 181 2.99 8.20 -24.38
CA GLY A 181 4.24 8.40 -23.66
C GLY A 181 4.10 7.92 -22.25
N LEU A 182 5.15 8.09 -21.45
CA LEU A 182 5.15 7.57 -20.09
C LEU A 182 6.07 8.33 -19.16
N LEU A 183 5.63 8.48 -17.91
CA LEU A 183 6.44 9.04 -16.83
C LEU A 183 6.12 8.31 -15.53
N TYR A 184 7.06 7.50 -15.04
CA TYR A 184 6.94 6.87 -13.74
C TYR A 184 7.49 7.82 -12.68
N VAL A 185 6.77 7.93 -11.57
CA VAL A 185 7.20 8.78 -10.45
C VAL A 185 6.93 8.09 -9.13
N GLU A 186 7.87 8.23 -8.20
CA GLU A 186 7.67 7.78 -6.83
C GLU A 186 7.80 8.95 -5.88
N LEU A 187 6.80 9.13 -5.03
CA LEU A 187 6.82 10.16 -4.01
C LEU A 187 7.08 9.49 -2.67
N VAL A 188 7.97 10.07 -1.87
CA VAL A 188 8.30 9.54 -0.57
C VAL A 188 8.32 10.62 0.49
N LEU A 189 7.68 10.33 1.62
CA LEU A 189 7.75 11.18 2.80
C LEU A 189 8.36 10.37 3.91
N ASP A 190 9.28 10.98 4.66
CA ASP A 190 9.89 10.35 5.82
C ASP A 190 10.05 11.40 6.90
N TYR A 191 9.24 11.30 7.95
CA TYR A 191 9.14 12.35 8.96
C TYR A 191 9.91 12.06 10.23
N GLY A 192 10.37 10.83 10.40
CA GLY A 192 11.11 10.46 11.58
C GLY A 192 11.85 9.15 11.41
N THR A 193 12.50 8.69 12.47
CA THR A 193 13.33 7.51 12.42
C THR A 193 12.53 6.24 12.68
N LYS A 194 11.41 6.37 13.38
CA LYS A 194 10.61 5.21 13.75
C LYS A 194 9.12 5.54 13.88
N ASP A 195 8.30 4.50 13.79
CA ASP A 195 6.87 4.64 14.03
C ASP A 195 6.63 5.05 15.48
N LEU A 196 5.56 5.79 15.71
CA LEU A 196 5.19 6.23 17.04
C LEU A 196 3.87 5.62 17.45
N HIS A 197 3.65 5.55 18.76
CA HIS A 197 2.35 5.19 19.30
C HIS A 197 1.37 6.30 18.87
N SER A 198 0.26 5.90 18.28
CA SER A 198 -0.73 6.85 17.76
C SER A 198 -1.26 7.81 18.84
N SER A 199 -1.05 7.47 20.10
CA SER A 199 -1.41 8.36 21.20
C SER A 199 -0.67 9.70 21.10
N ASN A 200 0.43 9.72 20.35
CA ASN A 200 1.19 10.96 20.12
C ASN A 200 0.66 11.78 18.94
N ALA A 201 -0.39 11.30 18.29
CA ALA A 201 -0.89 11.92 17.05
C ALA A 201 -1.10 13.44 17.13
N PRO A 202 -1.54 13.96 18.28
CA PRO A 202 -1.75 15.41 18.35
C PRO A 202 -0.45 16.23 18.26
N LEU A 203 0.70 15.58 18.47
CA LEU A 203 1.97 16.30 18.53
C LEU A 203 2.72 16.38 17.20
N VAL A 204 2.33 15.53 16.24
CA VAL A 204 3.08 15.41 15.00
C VAL A 204 2.20 15.38 13.76
N ARG A 205 2.82 15.61 12.60
CA ARG A 205 2.16 15.39 11.33
C ARG A 205 2.20 13.91 11.00
N ASN A 206 1.16 13.43 10.33
CA ASN A 206 1.09 12.04 9.89
C ASN A 206 1.39 12.00 8.38
N PRO A 207 2.38 11.20 7.97
CA PRO A 207 2.75 11.20 6.55
C PRO A 207 1.73 10.53 5.63
N CYS A 208 0.98 9.56 6.13
CA CYS A 208 -0.08 8.93 5.33
C CYS A 208 -1.09 9.97 4.86
N ILE A 209 -1.63 10.72 5.80
CA ILE A 209 -2.66 11.70 5.49
C ILE A 209 -2.09 12.79 4.59
N ASP A 210 -0.87 13.25 4.88
CA ASP A 210 -0.26 14.31 4.11
C ASP A 210 -0.09 13.87 2.66
N LEU A 211 0.43 12.67 2.47
CA LEU A 211 0.65 12.16 1.12
C LEU A 211 -0.68 11.88 0.41
N ALA A 212 -1.65 11.35 1.15
CA ALA A 212 -2.99 11.12 0.60
C ALA A 212 -3.56 12.45 0.12
N LYS A 213 -3.31 13.51 0.87
CA LYS A 213 -3.81 14.83 0.50
C LYS A 213 -3.10 15.33 -0.76
N ILE A 214 -1.81 15.07 -0.85
CA ILE A 214 -1.00 15.48 -2.00
C ILE A 214 -1.53 14.86 -3.29
N ILE A 215 -1.65 13.54 -3.32
CA ILE A 215 -2.09 12.86 -4.53
C ILE A 215 -3.52 13.22 -4.87
N SER A 216 -4.30 13.62 -3.87
CA SER A 216 -5.68 14.05 -4.09
C SER A 216 -5.75 15.35 -4.91
N THR A 217 -4.69 16.16 -4.85
CA THR A 217 -4.68 17.43 -5.56
C THR A 217 -4.37 17.25 -7.05
N LEU A 218 -3.84 16.08 -7.39
CA LEU A 218 -3.40 15.82 -8.76
C LEU A 218 -4.54 15.69 -9.76
N VAL A 219 -5.67 15.15 -9.33
CA VAL A 219 -6.81 14.89 -10.22
C VAL A 219 -8.13 15.27 -9.56
N ASP A 220 -9.15 15.56 -10.38
CA ASP A 220 -10.50 15.72 -9.84
C ASP A 220 -11.16 14.35 -9.74
N MET A 221 -12.45 14.30 -9.40
CA MET A 221 -13.09 13.02 -9.13
C MET A 221 -13.31 12.22 -10.41
N GLY A 222 -13.32 12.92 -11.54
CA GLY A 222 -13.50 12.29 -12.84
C GLY A 222 -12.20 11.79 -13.45
N GLY A 223 -11.07 12.18 -12.85
CA GLY A 223 -9.77 11.74 -13.31
C GLY A 223 -9.02 12.76 -14.16
N ARG A 224 -9.67 13.87 -14.46
CA ARG A 224 -8.99 14.95 -15.17
C ARG A 224 -7.83 15.47 -14.33
N VAL A 225 -6.67 15.65 -14.96
CA VAL A 225 -5.45 16.02 -14.25
C VAL A 225 -5.45 17.52 -13.95
N LEU A 226 -5.17 17.86 -12.70
CA LEU A 226 -5.26 19.24 -12.23
C LEU A 226 -3.90 19.95 -12.21
N ILE A 227 -2.84 19.25 -12.59
CA ILE A 227 -1.53 19.86 -12.70
C ILE A 227 -1.58 20.99 -13.74
N GLU A 228 -1.21 22.19 -13.30
CA GLU A 228 -1.25 23.36 -14.18
C GLU A 228 -0.35 23.17 -15.39
N GLY A 229 -0.93 23.35 -16.58
CA GLY A 229 -0.19 23.25 -17.82
C GLY A 229 -0.16 21.87 -18.45
N PHE A 230 -0.75 20.89 -17.77
CA PHE A 230 -0.67 19.49 -18.21
C PHE A 230 -1.24 19.27 -19.61
N TYR A 231 -2.36 19.93 -19.92
CA TYR A 231 -3.05 19.71 -21.19
C TYR A 231 -2.65 20.69 -22.29
N ASP A 232 -1.83 21.69 -21.96
CA ASP A 232 -1.47 22.75 -22.92
C ASP A 232 -0.80 22.20 -24.18
N ASP A 233 0.04 21.18 -24.01
CA ASP A 233 0.78 20.60 -25.12
C ASP A 233 -0.01 19.51 -25.84
N VAL A 234 -1.18 19.17 -25.32
CA VAL A 234 -2.01 18.12 -25.92
C VAL A 234 -2.72 18.68 -27.14
N ARG A 235 -2.42 18.12 -28.31
CA ARG A 235 -2.98 18.62 -29.57
C ARG A 235 -4.25 17.88 -29.97
N GLU A 236 -5.10 18.56 -30.73
CA GLU A 236 -6.32 17.96 -31.25
C GLU A 236 -5.98 16.83 -32.19
N LEU A 237 -6.89 15.87 -32.33
CA LEU A 237 -6.73 14.78 -33.28
C LEU A 237 -6.88 15.29 -34.69
N THR A 238 -6.23 14.63 -35.65
CA THR A 238 -6.46 14.91 -37.06
C THR A 238 -7.77 14.28 -37.47
N GLU A 239 -8.25 14.61 -38.66
CA GLU A 239 -9.51 14.07 -39.15
C GLU A 239 -9.39 12.56 -39.33
N GLU A 240 -8.29 12.11 -39.92
CA GLU A 240 -8.05 10.69 -40.13
C GLU A 240 -8.00 9.96 -38.80
N GLU A 241 -7.31 10.56 -37.83
CA GLU A 241 -7.20 9.96 -36.50
C GLU A 241 -8.56 9.82 -35.84
N ARG A 242 -9.43 10.82 -36.02
CA ARG A 242 -10.79 10.74 -35.51
C ARG A 242 -11.56 9.64 -36.23
N GLU A 243 -11.27 9.46 -37.51
CA GLU A 243 -11.93 8.43 -38.31
C GLU A 243 -11.55 7.03 -37.81
N LEU A 244 -10.26 6.80 -37.57
CA LEU A 244 -9.79 5.50 -37.12
C LEU A 244 -10.40 5.13 -35.76
N ILE A 245 -10.55 6.13 -34.90
CA ILE A 245 -11.15 5.90 -33.59
C ILE A 245 -12.60 5.46 -33.75
N LYS A 246 -13.28 6.03 -34.74
CA LYS A 246 -14.67 5.70 -35.03
C LYS A 246 -14.80 4.24 -35.49
N LYS A 247 -13.79 3.76 -36.22
CA LYS A 247 -13.81 2.41 -36.75
C LYS A 247 -13.31 1.38 -35.73
N TYR A 248 -12.64 1.84 -34.68
CA TYR A 248 -12.09 0.93 -33.68
C TYR A 248 -13.21 0.08 -33.08
N ASP A 249 -13.12 -1.23 -33.27
CA ASP A 249 -14.22 -2.13 -32.97
C ASP A 249 -14.07 -2.75 -31.59
N ILE A 250 -14.97 -2.36 -30.69
CA ILE A 250 -14.94 -2.79 -29.30
C ILE A 250 -16.25 -3.47 -28.90
N ASP A 251 -16.15 -4.71 -28.44
CA ASP A 251 -17.27 -5.38 -27.79
C ASP A 251 -17.25 -4.95 -26.32
N VAL A 252 -18.11 -4.00 -25.97
CA VAL A 252 -18.11 -3.40 -24.65
C VAL A 252 -18.33 -4.43 -23.54
N GLU A 253 -19.26 -5.36 -23.76
CA GLU A 253 -19.61 -6.33 -22.73
C GLU A 253 -18.50 -7.37 -22.56
N GLU A 254 -17.86 -7.74 -23.66
CA GLU A 254 -16.76 -8.69 -23.61
C GLU A 254 -15.57 -8.05 -22.92
N LEU A 255 -15.37 -6.76 -23.15
CA LEU A 255 -14.27 -6.02 -22.55
C LEU A 255 -14.47 -5.87 -21.05
N LYS A 256 -15.69 -5.51 -20.65
CA LYS A 256 -16.01 -5.32 -19.25
C LYS A 256 -15.77 -6.59 -18.45
N LYS A 257 -16.17 -7.72 -19.01
CA LYS A 257 -16.00 -9.01 -18.35
C LYS A 257 -14.52 -9.40 -18.29
N ALA A 258 -13.77 -9.02 -19.32
CA ALA A 258 -12.34 -9.35 -19.38
C ALA A 258 -11.58 -8.60 -18.28
N LEU A 259 -11.88 -7.31 -18.14
CA LEU A 259 -11.22 -6.49 -17.13
C LEU A 259 -11.58 -6.96 -15.72
N GLY A 260 -12.87 -7.21 -15.49
CA GLY A 260 -13.31 -7.77 -14.23
C GLY A 260 -13.68 -6.73 -13.18
N PHE A 261 -13.80 -5.48 -13.62
CA PHE A 261 -14.26 -4.40 -12.73
C PHE A 261 -15.79 -4.37 -12.71
N LYS A 262 -16.34 -4.12 -11.54
CA LYS A 262 -17.80 -4.05 -11.36
C LYS A 262 -18.44 -3.04 -12.31
N GLU A 263 -17.76 -1.93 -12.55
CA GLU A 263 -18.28 -0.87 -13.40
C GLU A 263 -17.18 -0.22 -14.23
N LEU A 264 -17.55 0.25 -15.43
CA LEU A 264 -16.67 1.08 -16.25
C LEU A 264 -17.19 2.51 -16.24
N LYS A 265 -16.35 3.46 -16.63
CA LYS A 265 -16.76 4.86 -16.65
C LYS A 265 -17.64 5.19 -17.85
N TYR A 266 -17.62 4.32 -18.87
CA TYR A 266 -18.37 4.56 -20.10
C TYR A 266 -19.00 3.26 -20.62
N ASN A 267 -20.10 3.41 -21.37
CA ASN A 267 -20.85 2.27 -21.90
C ASN A 267 -20.82 2.20 -23.43
N GLU A 268 -20.77 3.35 -24.09
CA GLU A 268 -20.71 3.40 -25.55
C GLU A 268 -19.34 2.99 -26.06
N LYS A 269 -19.30 2.31 -27.21
CA LYS A 269 -18.05 1.77 -27.71
C LYS A 269 -17.11 2.87 -28.22
N GLU A 270 -17.67 3.91 -28.83
CA GLU A 270 -16.86 4.98 -29.38
C GLU A 270 -16.24 5.81 -28.26
N LYS A 271 -16.95 5.93 -27.15
CA LYS A 271 -16.48 6.71 -26.02
C LYS A 271 -15.33 5.98 -25.33
N ILE A 272 -15.43 4.66 -25.28
CA ILE A 272 -14.39 3.83 -24.70
C ILE A 272 -13.13 3.90 -25.55
N ALA A 273 -13.32 3.81 -26.87
CA ALA A 273 -12.21 3.87 -27.81
C ALA A 273 -11.49 5.21 -27.68
N GLU A 274 -12.25 6.28 -27.55
CA GLU A 274 -11.69 7.61 -27.42
C GLU A 274 -10.88 7.72 -26.13
N ALA A 275 -11.51 7.38 -25.01
CA ALA A 275 -10.85 7.49 -23.71
C ALA A 275 -9.56 6.67 -23.65
N LEU A 276 -9.66 5.43 -24.11
CA LEU A 276 -8.55 4.49 -24.05
C LEU A 276 -7.35 4.97 -24.88
N LEU A 277 -7.63 5.47 -26.08
CA LEU A 277 -6.58 5.80 -27.04
C LEU A 277 -6.14 7.27 -27.00
N THR A 278 -6.99 8.16 -26.49
CA THR A 278 -6.78 9.61 -26.64
C THR A 278 -6.51 10.36 -25.32
N TYR A 279 -6.94 9.82 -24.19
CA TYR A 279 -6.81 10.54 -22.92
C TYR A 279 -5.45 10.32 -22.24
N PRO A 280 -4.77 11.41 -21.86
CA PRO A 280 -3.60 11.23 -21.00
C PRO A 280 -4.06 10.90 -19.57
N THR A 281 -3.19 10.33 -18.74
CA THR A 281 -3.60 9.91 -17.40
C THR A 281 -2.64 10.36 -16.31
N CYS A 282 -3.16 10.36 -15.09
CA CYS A 282 -2.35 10.41 -13.88
C CYS A 282 -2.87 9.31 -12.97
N ASN A 283 -2.21 8.15 -13.01
CA ASN A 283 -2.69 6.97 -12.31
C ASN A 283 -1.81 6.62 -11.11
N VAL A 284 -2.46 6.16 -10.04
CA VAL A 284 -1.75 5.70 -8.85
C VAL A 284 -1.57 4.19 -8.92
N ASP A 285 -0.32 3.75 -9.02
CA ASP A 285 -0.01 2.33 -9.10
C ASP A 285 0.11 1.73 -7.72
N GLY A 286 0.44 2.56 -6.76
CA GLY A 286 0.69 2.07 -5.41
C GLY A 286 0.71 3.16 -4.37
N PHE A 287 0.26 2.80 -3.17
CA PHE A 287 0.36 3.66 -2.01
C PHE A 287 0.54 2.76 -0.79
N GLU A 288 1.65 2.93 -0.10
CA GLU A 288 1.97 2.16 1.09
C GLU A 288 2.28 3.09 2.24
N CYS A 289 1.72 2.78 3.40
CA CYS A 289 2.04 3.53 4.61
C CYS A 289 1.57 2.79 5.85
N GLY A 290 2.38 2.86 6.90
CA GLY A 290 2.01 2.33 8.19
C GLY A 290 1.74 0.83 8.17
N TYR A 291 0.96 0.39 9.14
CA TYR A 291 0.73 -1.03 9.37
C TYR A 291 -0.32 -1.64 8.46
N THR A 292 0.06 -2.75 7.82
CA THR A 292 -0.87 -3.56 7.04
C THR A 292 -0.91 -4.96 7.63
N GLY A 293 -2.03 -5.65 7.45
CA GLY A 293 -2.19 -7.02 7.93
C GLY A 293 -3.39 -7.17 8.83
N LYS A 294 -3.57 -8.37 9.36
CA LYS A 294 -4.74 -8.69 10.18
C LYS A 294 -4.67 -8.01 11.55
N GLY A 295 -5.84 -7.62 12.05
CA GLY A 295 -5.94 -7.05 13.38
C GLY A 295 -5.56 -5.59 13.42
N SER A 296 -5.60 -5.01 14.62
CA SER A 296 -5.33 -3.59 14.82
C SER A 296 -3.98 -3.34 15.48
N LYS A 297 -3.17 -2.50 14.83
CA LYS A 297 -1.97 -1.96 15.42
C LYS A 297 -2.04 -0.44 15.28
N THR A 298 -1.88 0.26 16.39
CA THR A 298 -2.10 1.70 16.42
C THR A 298 -0.78 2.48 16.46
N ILE A 299 -0.50 3.19 15.38
CA ILE A 299 0.73 3.96 15.25
C ILE A 299 0.57 5.20 14.39
N VAL A 300 1.48 6.15 14.57
CA VAL A 300 1.73 7.17 13.55
C VAL A 300 2.93 6.68 12.75
N PRO A 301 2.72 6.32 11.47
CA PRO A 301 3.90 5.85 10.72
C PRO A 301 4.83 7.02 10.42
N HIS A 302 6.11 6.74 10.21
CA HIS A 302 7.08 7.81 9.97
C HIS A 302 7.33 7.97 8.47
N ARG A 303 6.89 6.98 7.69
CA ARG A 303 7.17 6.94 6.27
C ARG A 303 5.92 6.61 5.44
N ALA A 304 5.79 7.25 4.29
CA ALA A 304 4.73 6.97 3.34
C ALA A 304 5.26 7.19 1.93
N PHE A 305 4.93 6.29 1.01
CA PHE A 305 5.29 6.49 -0.39
C PHE A 305 4.20 6.06 -1.36
N ALA A 306 4.22 6.67 -2.53
CA ALA A 306 3.26 6.39 -3.58
C ALA A 306 3.98 6.33 -4.92
N LYS A 307 3.43 5.53 -5.85
CA LYS A 307 3.98 5.39 -7.19
C LYS A 307 2.95 5.80 -8.23
N LEU A 308 3.33 6.72 -9.10
CA LEU A 308 2.45 7.26 -10.12
C LEU A 308 3.00 7.00 -11.51
N ASP A 309 2.11 6.68 -12.44
CA ASP A 309 2.47 6.63 -13.85
C ASP A 309 1.54 7.57 -14.62
N PHE A 310 2.14 8.39 -15.47
CA PHE A 310 1.41 9.29 -16.34
C PHE A 310 1.50 8.78 -17.77
N ARG A 311 0.36 8.47 -18.38
CA ARG A 311 0.35 8.12 -19.80
C ARG A 311 0.15 9.40 -20.59
N LEU A 312 0.97 9.61 -21.61
CA LEU A 312 1.00 10.87 -22.33
C LEU A 312 0.58 10.71 -23.79
N VAL A 313 0.12 11.81 -24.38
CA VAL A 313 -0.28 11.85 -25.77
C VAL A 313 0.38 13.04 -26.44
N PRO A 314 0.47 13.04 -27.79
CA PRO A 314 1.15 14.14 -28.49
C PRO A 314 0.51 15.49 -28.15
N ASN A 315 1.26 16.56 -27.94
CA ASN A 315 2.72 16.61 -28.02
C ASN A 315 3.36 16.75 -26.65
N GLN A 316 2.85 16.01 -25.67
CA GLN A 316 3.37 16.10 -24.31
C GLN A 316 4.79 15.56 -24.24
N ASP A 317 5.64 16.28 -23.51
CA ASP A 317 7.03 15.89 -23.29
C ASP A 317 7.13 15.40 -21.84
N PRO A 318 7.56 14.15 -21.63
CA PRO A 318 7.59 13.63 -20.26
C PRO A 318 8.51 14.42 -19.33
N TYR A 319 9.64 14.90 -19.85
CA TYR A 319 10.54 15.72 -19.05
C TYR A 319 9.88 17.04 -18.67
N LYS A 320 9.04 17.57 -19.55
CA LYS A 320 8.30 18.78 -19.25
C LYS A 320 7.21 18.50 -18.20
N VAL A 321 6.49 17.39 -18.36
CA VAL A 321 5.41 17.04 -17.45
C VAL A 321 5.98 16.86 -16.04
N PHE A 322 7.19 16.31 -15.97
CA PHE A 322 7.87 16.12 -14.70
C PHE A 322 8.11 17.47 -14.03
N GLU A 323 8.46 18.48 -14.82
CA GLU A 323 8.72 19.81 -14.27
C GLU A 323 7.41 20.45 -13.81
N LEU A 324 6.35 20.27 -14.59
CA LEU A 324 5.03 20.79 -14.23
C LEU A 324 4.55 20.14 -12.93
N LEU A 325 4.76 18.83 -12.83
CA LEU A 325 4.40 18.10 -11.63
C LEU A 325 5.15 18.67 -10.44
N LYS A 326 6.44 18.94 -10.62
CA LYS A 326 7.26 19.41 -9.52
C LYS A 326 6.82 20.81 -9.07
N LYS A 327 6.55 21.70 -10.01
CA LYS A 327 6.03 23.02 -9.66
C LYS A 327 4.74 22.87 -8.86
N HIS A 328 3.89 21.95 -9.28
CA HIS A 328 2.63 21.69 -8.60
C HIS A 328 2.84 21.19 -7.17
N LEU A 329 3.75 20.24 -7.00
CA LEU A 329 4.02 19.68 -5.68
C LEU A 329 4.58 20.74 -4.71
N GLN A 330 5.33 21.71 -5.24
CA GLN A 330 5.80 22.83 -4.43
C GLN A 330 4.62 23.56 -3.81
N LYS A 331 3.67 23.96 -4.66
CA LYS A 331 2.49 24.68 -4.22
C LYS A 331 1.65 23.88 -3.23
N ALA A 332 1.62 22.56 -3.41
CA ALA A 332 0.82 21.70 -2.55
C ALA A 332 1.54 21.43 -1.23
N GLY A 333 2.70 22.03 -1.05
CA GLY A 333 3.45 21.91 0.20
C GLY A 333 4.10 20.55 0.36
N PHE A 334 4.48 19.93 -0.76
CA PHE A 334 5.12 18.63 -0.72
C PHE A 334 6.49 18.75 -0.06
N ASN A 335 6.75 17.90 0.93
CA ASN A 335 7.98 17.96 1.71
C ASN A 335 8.61 16.58 1.76
N GLY A 336 9.20 16.16 0.65
CA GLY A 336 9.82 14.86 0.58
C GLY A 336 10.59 14.63 -0.71
N GLU A 337 10.88 13.38 -0.99
CA GLU A 337 11.68 13.00 -2.14
C GLU A 337 10.80 12.74 -3.36
N ILE A 338 11.31 13.07 -4.53
CA ILE A 338 10.67 12.72 -5.78
C ILE A 338 11.66 11.96 -6.65
N LEU A 339 11.28 10.76 -7.05
CA LEU A 339 12.11 9.90 -7.90
C LEU A 339 11.35 9.61 -9.19
N ALA A 340 12.03 9.70 -10.33
CA ALA A 340 11.39 9.47 -11.62
C ALA A 340 12.21 8.53 -12.49
N HIS A 341 11.55 7.91 -13.48
CA HIS A 341 12.22 7.07 -14.47
C HIS A 341 11.26 6.70 -15.60
N GLY A 342 11.81 6.07 -16.63
CA GLY A 342 11.01 5.60 -17.74
C GLY A 342 10.36 6.70 -18.55
N PHE A 343 11.08 7.81 -18.74
CA PHE A 343 10.59 8.88 -19.59
C PHE A 343 10.43 8.35 -21.03
N GLU A 344 9.21 8.39 -21.54
CA GLU A 344 8.93 7.93 -22.90
C GLU A 344 8.08 8.96 -23.61
N TYR A 345 8.38 9.20 -24.88
CA TYR A 345 7.64 10.19 -25.67
C TYR A 345 6.42 9.54 -26.33
N PRO A 346 5.30 10.27 -26.41
CA PRO A 346 4.18 9.79 -27.23
C PRO A 346 4.50 9.92 -28.71
N VAL A 347 3.83 9.13 -29.54
CA VAL A 347 4.10 9.10 -30.98
C VAL A 347 2.84 8.78 -31.77
N ARG A 348 2.70 9.44 -32.91
CA ARG A 348 1.67 9.10 -33.89
C ARG A 348 2.21 9.35 -35.28
N THR A 349 2.15 8.34 -36.14
CA THR A 349 2.68 8.45 -37.49
C THR A 349 1.58 8.29 -38.53
N SER A 350 1.92 8.56 -39.77
CA SER A 350 0.94 8.58 -40.85
C SER A 350 0.52 7.20 -41.32
N VAL A 351 -0.76 7.06 -41.63
CA VAL A 351 -1.28 5.83 -42.22
C VAL A 351 -0.84 5.72 -43.69
N ASN A 352 -0.31 6.81 -44.24
CA ASN A 352 -0.03 6.88 -45.68
C ASN A 352 1.40 6.52 -46.06
N SER A 353 2.23 6.22 -45.08
CA SER A 353 3.60 5.82 -45.37
C SER A 353 3.56 4.48 -46.09
N THR A 354 4.59 4.21 -46.89
CA THR A 354 4.65 2.96 -47.61
C THR A 354 4.79 1.76 -46.67
N VAL A 355 5.53 1.94 -45.57
CA VAL A 355 5.72 0.82 -44.65
C VAL A 355 4.38 0.42 -44.05
N VAL A 356 3.55 1.41 -43.74
CA VAL A 356 2.21 1.12 -43.23
C VAL A 356 1.37 0.45 -44.30
N LYS A 357 1.42 1.00 -45.51
CA LYS A 357 0.66 0.46 -46.63
C LYS A 357 1.05 -0.99 -46.88
N ALA A 358 2.35 -1.25 -46.99
CA ALA A 358 2.85 -2.61 -47.18
C ALA A 358 2.36 -3.54 -46.08
N MET A 359 2.23 -3.00 -44.87
CA MET A 359 1.81 -3.79 -43.73
C MET A 359 0.31 -4.11 -43.79
N ILE A 360 -0.51 -3.12 -44.13
CA ILE A 360 -1.95 -3.32 -44.29
C ILE A 360 -2.25 -4.35 -45.39
N GLU A 361 -1.58 -4.23 -46.53
CA GLU A 361 -1.89 -5.08 -47.67
C GLU A 361 -1.43 -6.52 -47.42
N SER A 362 -0.25 -6.68 -46.85
CA SER A 362 0.26 -8.02 -46.53
C SER A 362 -0.62 -8.71 -45.50
N ALA A 363 -1.08 -7.97 -44.50
CA ALA A 363 -1.91 -8.54 -43.44
C ALA A 363 -3.22 -9.06 -44.06
N LYS A 364 -3.74 -8.27 -44.98
CA LYS A 364 -4.99 -8.57 -45.65
C LYS A 364 -4.88 -9.85 -46.48
N LYS A 365 -3.78 -9.98 -47.20
CA LYS A 365 -3.51 -11.17 -48.00
C LYS A 365 -3.36 -12.43 -47.15
N VAL A 366 -2.60 -12.34 -46.06
CA VAL A 366 -2.27 -13.50 -45.25
C VAL A 366 -3.43 -13.97 -44.38
N TYR A 367 -4.14 -13.03 -43.77
CA TYR A 367 -5.19 -13.37 -42.81
C TYR A 367 -6.57 -13.37 -43.45
N GLY A 368 -6.71 -12.72 -44.58
CA GLY A 368 -7.95 -12.75 -45.35
C GLY A 368 -9.09 -11.99 -44.71
N THR A 369 -8.76 -11.09 -43.79
CA THR A 369 -9.76 -10.20 -43.20
C THR A 369 -9.25 -8.77 -43.22
N GLU A 370 -10.07 -7.83 -42.74
CA GLU A 370 -9.72 -6.43 -42.78
C GLU A 370 -8.85 -6.07 -41.58
N PRO A 371 -7.60 -5.62 -41.81
CA PRO A 371 -6.75 -5.21 -40.69
C PRO A 371 -7.32 -4.03 -39.92
N GLN A 372 -7.25 -4.09 -38.59
CA GLN A 372 -7.73 -3.01 -37.75
C GLN A 372 -6.59 -2.04 -37.45
N VAL A 373 -6.79 -0.78 -37.84
CA VAL A 373 -5.74 0.24 -37.79
C VAL A 373 -6.11 1.27 -36.71
N ILE A 374 -5.24 1.42 -35.71
CA ILE A 374 -5.45 2.44 -34.68
C ILE A 374 -4.28 3.42 -34.66
N PRO A 375 -4.55 4.68 -34.29
CA PRO A 375 -3.51 5.71 -34.37
C PRO A 375 -2.40 5.54 -33.34
N ASN A 376 -2.69 4.82 -32.25
CA ASN A 376 -1.69 4.52 -31.23
C ASN A 376 -2.26 3.50 -30.24
N SER A 377 -1.36 2.81 -29.54
CA SER A 377 -1.77 1.86 -28.51
C SER A 377 -2.09 2.61 -27.23
N ALA A 378 -2.84 1.97 -26.34
CA ALA A 378 -3.15 2.54 -25.04
C ALA A 378 -1.89 2.48 -24.18
N GLY A 379 -0.99 1.56 -24.51
CA GLY A 379 0.23 1.35 -23.77
C GLY A 379 1.43 2.07 -24.36
N THR A 380 2.61 1.69 -23.89
CA THR A 380 3.84 2.41 -24.20
C THR A 380 4.90 1.49 -24.77
N GLN A 381 5.79 2.05 -25.58
CA GLN A 381 6.84 1.32 -26.25
C GLN A 381 7.86 2.39 -26.67
N PRO A 382 9.15 2.02 -26.82
CA PRO A 382 10.13 3.07 -27.12
C PRO A 382 10.15 3.55 -28.58
N MET A 383 8.96 3.58 -29.21
CA MET A 383 8.81 4.08 -30.56
C MET A 383 9.33 5.51 -30.67
N GLY A 384 9.15 6.29 -29.60
CA GLY A 384 9.58 7.67 -29.56
C GLY A 384 11.05 7.88 -29.88
N LEU A 385 11.89 6.96 -29.42
CA LEU A 385 13.31 7.07 -29.66
C LEU A 385 13.63 6.96 -31.15
N PHE A 386 12.96 6.03 -31.83
CA PHE A 386 13.24 5.78 -33.23
C PHE A 386 12.71 6.93 -34.10
N VAL A 387 11.55 7.46 -33.73
CA VAL A 387 10.95 8.54 -34.50
C VAL A 387 11.65 9.88 -34.25
N TYR A 388 11.91 10.20 -33.00
CA TYR A 388 12.42 11.53 -32.64
C TYR A 388 13.93 11.61 -32.61
N LYS A 389 14.59 10.59 -32.09
CA LYS A 389 16.05 10.63 -31.95
C LYS A 389 16.75 10.14 -33.22
N LEU A 390 16.22 9.08 -33.82
CA LEU A 390 16.77 8.56 -35.08
C LEU A 390 16.12 9.24 -36.29
N GLY A 391 15.05 9.98 -36.05
CA GLY A 391 14.40 10.73 -37.11
C GLY A 391 13.73 9.87 -38.16
N ILE A 392 13.27 8.69 -37.76
CA ILE A 392 12.56 7.80 -38.68
C ILE A 392 11.05 7.99 -38.55
N ARG A 393 10.50 8.82 -39.41
CA ARG A 393 9.09 9.20 -39.37
C ARG A 393 8.19 8.03 -39.75
N ASP A 394 8.65 7.21 -40.68
CA ASP A 394 7.86 6.09 -41.16
C ASP A 394 8.01 4.92 -40.21
N ALA A 395 7.15 4.89 -39.20
CA ALA A 395 7.19 3.84 -38.18
C ALA A 395 5.81 3.22 -38.00
N VAL A 396 5.79 1.92 -37.71
CA VAL A 396 4.55 1.19 -37.47
C VAL A 396 4.82 0.03 -36.51
N SER A 397 3.78 -0.41 -35.81
CA SER A 397 3.86 -1.61 -35.02
C SER A 397 2.84 -2.62 -35.52
N ALA A 398 3.33 -3.66 -36.18
CA ALA A 398 2.47 -4.67 -36.77
C ALA A 398 3.25 -5.95 -36.99
N ILE A 399 2.52 -7.03 -37.26
CA ILE A 399 3.01 -8.41 -37.26
C ILE A 399 3.01 -8.92 -35.82
N GLY A 400 2.37 -10.06 -35.59
CA GLY A 400 2.28 -10.62 -34.27
C GLY A 400 1.98 -12.11 -34.27
N ALA A 401 2.79 -12.85 -33.52
CA ALA A 401 2.59 -14.29 -33.38
C ALA A 401 1.44 -14.57 -32.41
N GLY A 402 1.13 -13.58 -31.58
CA GLY A 402 0.13 -13.76 -30.54
C GLY A 402 -1.24 -13.23 -30.91
N GLY A 403 -2.13 -13.20 -29.91
CA GLY A 403 -3.49 -12.75 -30.11
C GLY A 403 -4.14 -12.32 -28.80
N TYR A 404 -5.46 -12.25 -28.82
CA TYR A 404 -6.23 -11.84 -27.65
C TYR A 404 -6.24 -12.96 -26.60
N TYR A 405 -6.15 -14.19 -27.07
CA TYR A 405 -6.16 -15.38 -26.22
C TYR A 405 -4.86 -15.57 -25.47
N SER A 406 -3.85 -14.78 -25.82
CA SER A 406 -2.46 -15.09 -25.46
C SER A 406 -2.08 -14.90 -23.99
N ASN A 407 -2.86 -14.15 -23.23
CA ASN A 407 -2.56 -13.91 -21.83
C ASN A 407 -1.15 -13.35 -21.60
N ALA A 408 -0.76 -12.38 -22.41
CA ALA A 408 0.50 -11.69 -22.22
C ALA A 408 0.41 -10.84 -20.95
N HIS A 409 1.50 -10.77 -20.19
CA HIS A 409 1.51 -10.05 -18.92
C HIS A 409 0.56 -10.72 -17.93
N ALA A 410 0.52 -12.05 -17.98
CA ALA A 410 -0.39 -12.85 -17.16
C ALA A 410 0.06 -14.31 -17.17
N PRO A 411 -0.45 -15.11 -16.23
CA PRO A 411 0.01 -16.50 -16.21
C PRO A 411 -0.56 -17.33 -17.37
N ASN A 412 0.15 -18.39 -17.72
CA ASN A 412 -0.23 -19.28 -18.81
C ASN A 412 -0.28 -18.55 -20.14
N GLU A 413 0.74 -17.73 -20.40
CA GLU A 413 0.88 -17.09 -21.69
C GLU A 413 1.10 -18.13 -22.76
N ASN A 414 0.48 -17.93 -23.92
CA ASN A 414 0.58 -18.89 -25.02
C ASN A 414 0.27 -18.29 -26.38
N ILE A 415 0.74 -18.95 -27.44
CA ILE A 415 0.37 -18.60 -28.81
C ILE A 415 -0.05 -19.84 -29.58
N LYS A 416 -1.03 -19.69 -30.46
CA LYS A 416 -1.41 -20.77 -31.36
C LYS A 416 -0.27 -21.01 -32.34
N ILE A 417 0.11 -22.27 -32.51
CA ILE A 417 1.17 -22.62 -33.43
C ILE A 417 0.85 -22.13 -34.84
N ASP A 418 -0.43 -22.17 -35.22
CA ASP A 418 -0.86 -21.72 -36.54
C ASP A 418 -0.67 -20.20 -36.68
N ASP A 419 -0.82 -19.47 -35.58
CA ASP A 419 -0.63 -18.02 -35.61
C ASP A 419 0.86 -17.69 -35.75
N TYR A 420 1.71 -18.58 -35.27
CA TYR A 420 3.15 -18.38 -35.40
C TYR A 420 3.55 -18.49 -36.87
N TYR A 421 2.96 -19.47 -37.56
CA TYR A 421 3.24 -19.69 -38.98
C TYR A 421 2.65 -18.58 -39.84
N LYS A 422 1.49 -18.06 -39.47
CA LYS A 422 0.91 -16.93 -40.21
C LYS A 422 1.77 -15.68 -40.03
N ALA A 423 2.41 -15.57 -38.88
CA ALA A 423 3.22 -14.38 -38.59
C ALA A 423 4.46 -14.36 -39.47
N ILE A 424 5.11 -15.51 -39.60
CA ILE A 424 6.24 -15.66 -40.52
C ILE A 424 5.78 -15.25 -41.91
N LYS A 425 4.60 -15.74 -42.27
CA LYS A 425 4.00 -15.52 -43.58
C LYS A 425 3.70 -14.04 -43.82
N HIS A 426 3.10 -13.41 -42.82
CA HIS A 426 2.83 -11.97 -42.84
C HIS A 426 4.10 -11.17 -43.06
N THR A 427 5.18 -11.59 -42.42
CA THR A 427 6.44 -10.86 -42.53
C THR A 427 7.02 -10.99 -43.92
N GLU A 428 6.96 -12.21 -44.46
CA GLU A 428 7.44 -12.49 -45.82
C GLU A 428 6.74 -11.60 -46.83
N GLU A 429 5.42 -11.61 -46.81
CA GLU A 429 4.64 -10.77 -47.73
C GLU A 429 4.94 -9.30 -47.49
N PHE A 430 5.12 -8.90 -46.24
CA PHE A 430 5.43 -7.51 -45.94
C PHE A 430 6.76 -7.10 -46.58
N LEU A 431 7.76 -7.98 -46.48
CA LEU A 431 9.09 -7.68 -47.00
C LEU A 431 9.16 -7.70 -48.53
N LYS A 432 8.29 -8.49 -49.15
CA LYS A 432 8.23 -8.55 -50.61
C LYS A 432 7.58 -7.29 -51.17
N LEU A 433 6.67 -6.74 -50.38
CA LEU A 433 5.78 -5.68 -50.82
C LEU A 433 6.35 -4.29 -50.53
N TYR A 434 7.00 -4.14 -49.38
CA TYR A 434 7.57 -2.85 -48.97
C TYR A 434 8.49 -2.23 -50.04
N PRO A 435 9.41 -3.03 -50.61
CA PRO A 435 10.34 -2.43 -51.55
C PRO A 435 9.74 -2.06 -52.92
N ILE A 436 8.58 -2.59 -53.28
CA ILE A 436 7.98 -2.28 -54.58
C ILE A 436 7.04 -1.09 -54.52
N LEU A 437 6.58 -0.73 -53.32
CA LEU A 437 5.69 0.40 -53.16
C LEU A 437 6.48 1.71 -53.12
N LEU B 8 7.25 -13.08 44.09
CA LEU B 8 7.33 -12.29 42.87
C LEU B 8 8.25 -12.96 41.85
N ILE B 9 9.37 -13.50 42.32
CA ILE B 9 10.31 -14.19 41.47
C ILE B 9 9.66 -15.43 40.86
N GLU B 10 8.85 -16.11 41.68
CA GLU B 10 8.12 -17.29 41.21
C GLU B 10 7.04 -16.89 40.22
N PHE B 11 6.43 -15.73 40.45
CA PHE B 11 5.41 -15.20 39.55
C PHE B 11 6.03 -14.68 38.27
N LEU B 12 7.27 -14.18 38.38
CA LEU B 12 7.97 -13.60 37.24
C LEU B 12 8.50 -14.67 36.30
N LYS B 13 8.87 -15.82 36.86
CA LYS B 13 9.47 -16.90 36.08
C LYS B 13 8.44 -17.56 35.15
N LYS B 14 7.24 -17.77 35.67
CA LYS B 14 6.18 -18.42 34.90
C LYS B 14 5.77 -17.58 33.69
N PRO B 15 5.75 -18.20 32.49
CA PRO B 15 5.28 -17.48 31.31
C PRO B 15 3.80 -17.76 31.04
N SER B 16 3.07 -16.75 30.57
CA SER B 16 1.65 -16.90 30.26
C SER B 16 1.24 -15.93 29.15
N ILE B 17 1.82 -16.14 27.97
CA ILE B 17 1.55 -15.29 26.83
C ILE B 17 0.18 -15.59 26.25
N THR B 20 -0.49 -15.36 22.38
CA THR B 20 -0.84 -16.54 21.59
C THR B 20 -1.64 -17.55 22.40
N GLY B 21 -1.78 -17.30 23.69
CA GLY B 21 -2.53 -18.19 24.56
C GLY B 21 -1.75 -19.42 24.94
N GLU B 22 -0.46 -19.23 25.25
CA GLU B 22 0.43 -20.35 25.59
C GLU B 22 0.88 -20.28 27.06
N GLY B 23 0.68 -21.39 27.77
CA GLY B 23 1.14 -21.51 29.15
C GLY B 23 0.42 -20.59 30.11
N ILE B 24 -0.82 -20.23 29.80
CA ILE B 24 -1.58 -19.28 30.61
C ILE B 24 -2.19 -19.93 31.84
N ASP B 25 -2.79 -21.10 31.68
CA ASP B 25 -3.48 -21.78 32.77
C ASP B 25 -2.56 -22.06 33.95
N GLU B 26 -1.26 -22.16 33.68
CA GLU B 26 -0.27 -22.42 34.72
C GLU B 26 -0.21 -21.28 35.72
N THR B 27 -0.27 -20.05 35.22
CA THR B 27 -0.26 -18.87 36.07
C THR B 27 -1.61 -18.63 36.71
N ALA B 28 -2.68 -18.94 35.97
CA ALA B 28 -4.04 -18.73 36.46
C ALA B 28 -4.33 -19.63 37.65
N ASN B 29 -3.95 -20.90 37.55
CA ASN B 29 -4.11 -21.84 38.64
C ASN B 29 -3.14 -21.55 39.78
N TYR B 30 -1.93 -21.13 39.40
CA TYR B 30 -0.92 -20.74 40.39
C TYR B 30 -1.41 -19.53 41.17
N LEU B 31 -1.85 -18.50 40.45
CA LEU B 31 -2.37 -17.29 41.07
C LEU B 31 -3.59 -17.61 41.92
N LYS B 32 -4.45 -18.50 41.42
CA LYS B 32 -5.59 -18.97 42.18
C LYS B 32 -5.12 -19.66 43.46
N GLU B 33 -3.97 -20.30 43.38
CA GLU B 33 -3.39 -21.00 44.52
C GLU B 33 -2.68 -20.03 45.46
N THR B 34 -2.21 -18.90 44.90
CA THR B 34 -1.36 -17.98 45.65
C THR B 34 -2.17 -16.95 46.44
N VAL B 35 -3.29 -16.49 45.87
CA VAL B 35 -4.14 -15.52 46.56
C VAL B 35 -4.66 -16.10 47.88
N GLU B 36 -4.86 -17.41 47.90
CA GLU B 36 -5.37 -18.09 49.09
C GLU B 36 -4.31 -18.19 50.18
N LYS B 37 -3.08 -18.54 49.80
CA LYS B 37 -2.01 -18.74 50.76
C LYS B 37 -1.65 -17.44 51.48
N LEU B 38 -1.70 -16.33 50.76
CA LEU B 38 -1.25 -15.05 51.29
C LEU B 38 -2.36 -14.31 52.05
N LEU B 39 -3.55 -14.27 51.48
CA LEU B 39 -4.66 -13.51 52.05
C LEU B 39 -5.57 -14.38 52.92
N GLY B 40 -5.52 -15.69 52.70
CA GLY B 40 -6.32 -16.61 53.49
C GLY B 40 -7.75 -16.76 52.97
N VAL B 41 -8.11 -15.94 51.99
CA VAL B 41 -9.45 -15.97 51.41
C VAL B 41 -9.50 -16.87 50.17
N LYS B 42 -10.64 -17.53 49.98
CA LYS B 42 -10.82 -18.41 48.83
C LYS B 42 -10.80 -17.61 47.53
N ALA B 43 -10.04 -18.11 46.56
CA ALA B 43 -9.91 -17.45 45.26
C ALA B 43 -10.65 -18.23 44.18
N ASN B 44 -11.52 -17.53 43.45
CA ASN B 44 -12.33 -18.15 42.40
C ASN B 44 -11.73 -17.93 41.02
N LEU B 45 -11.78 -18.97 40.19
CA LEU B 45 -11.34 -18.89 38.80
C LEU B 45 -12.56 -19.07 37.90
N GLU B 46 -12.95 -18.00 37.21
CA GLU B 46 -14.20 -17.99 36.46
C GLU B 46 -13.99 -18.13 34.95
N LYS B 47 -14.65 -19.12 34.36
CA LYS B 47 -14.62 -19.33 32.91
C LYS B 47 -15.40 -18.24 32.19
N THR B 48 -14.99 -17.95 30.96
CA THR B 48 -15.59 -16.88 30.17
C THR B 48 -15.45 -17.18 28.68
N LYS B 49 -16.24 -16.51 27.85
CA LYS B 49 -16.11 -16.61 26.40
C LYS B 49 -14.70 -16.22 25.98
N GLY B 50 -14.15 -15.20 26.64
CA GLY B 50 -12.77 -14.82 26.45
C GLY B 50 -11.88 -15.76 27.23
N HIS B 51 -10.81 -15.22 27.81
CA HIS B 51 -9.92 -15.99 28.67
C HIS B 51 -10.43 -15.91 30.11
N PRO B 52 -10.22 -16.98 30.91
CA PRO B 52 -10.69 -17.03 32.30
C PRO B 52 -10.29 -15.81 33.13
N VAL B 53 -11.06 -15.54 34.19
CA VAL B 53 -10.79 -14.42 35.08
C VAL B 53 -10.65 -14.90 36.52
N VAL B 54 -9.63 -14.41 37.21
CA VAL B 54 -9.40 -14.75 38.61
C VAL B 54 -10.08 -13.71 39.50
N TYR B 55 -10.93 -14.17 40.40
CA TYR B 55 -11.71 -13.29 41.27
C TYR B 55 -11.61 -13.73 42.73
N ALA B 56 -11.46 -12.75 43.62
CA ALA B 56 -11.42 -13.00 45.05
C ALA B 56 -12.03 -11.81 45.78
N GLU B 57 -12.60 -12.07 46.96
CA GLU B 57 -13.24 -11.03 47.76
C GLU B 57 -12.73 -11.05 49.19
N ILE B 58 -12.37 -9.87 49.70
CA ILE B 58 -11.96 -9.71 51.09
C ILE B 58 -12.87 -8.71 51.78
N ASN B 59 -13.69 -9.19 52.70
CA ASN B 59 -14.63 -8.36 53.44
C ASN B 59 -14.20 -8.18 54.89
N VAL B 60 -13.99 -6.92 55.28
CA VAL B 60 -13.65 -6.60 56.66
C VAL B 60 -14.80 -5.85 57.32
N ASN B 61 -16.00 -6.00 56.74
CA ASN B 61 -17.19 -5.29 57.22
C ASN B 61 -16.94 -3.79 57.27
N ALA B 62 -16.23 -3.27 56.26
CA ALA B 62 -15.85 -1.87 56.21
C ALA B 62 -16.93 -1.03 55.54
N LYS B 63 -16.84 0.28 55.71
CA LYS B 63 -17.78 1.20 55.09
C LYS B 63 -17.55 1.25 53.58
N LYS B 64 -16.31 1.50 53.19
CA LYS B 64 -15.94 1.64 51.77
C LYS B 64 -15.48 0.31 51.17
N THR B 65 -15.79 0.12 49.90
CA THR B 65 -15.35 -1.07 49.16
C THR B 65 -14.51 -0.64 47.96
N LEU B 66 -13.39 -1.34 47.75
CA LEU B 66 -12.45 -1.00 46.69
C LEU B 66 -12.33 -2.15 45.71
N LEU B 67 -12.25 -1.80 44.43
CA LEU B 67 -12.01 -2.78 43.38
C LEU B 67 -10.56 -2.64 42.89
N ILE B 68 -9.86 -3.77 42.82
CA ILE B 68 -8.49 -3.80 42.32
C ILE B 68 -8.44 -4.57 41.02
N TYR B 69 -7.78 -3.99 40.03
CA TYR B 69 -7.72 -4.57 38.69
C TYR B 69 -6.29 -4.76 38.23
N ASN B 70 -6.00 -5.95 37.72
CA ASN B 70 -4.70 -6.27 37.14
C ASN B 70 -4.86 -7.27 36.02
N HIS B 71 -3.76 -7.62 35.38
CA HIS B 71 -3.77 -8.68 34.36
C HIS B 71 -2.58 -9.62 34.50
N TYR B 72 -2.88 -10.89 34.70
CA TYR B 72 -1.85 -11.91 34.85
C TYR B 72 -1.23 -12.26 33.50
N PRO B 87 14.37 -14.09 28.55
CA PRO B 87 13.32 -13.10 28.83
C PRO B 87 12.49 -13.45 30.06
N PHE B 88 12.14 -14.72 30.19
CA PHE B 88 11.31 -15.17 31.30
C PHE B 88 12.13 -15.76 32.45
N SER B 89 13.45 -15.58 32.37
CA SER B 89 14.34 -16.04 33.44
C SER B 89 14.17 -15.19 34.69
N ALA B 90 13.56 -14.02 34.52
CA ALA B 90 13.28 -13.09 35.63
C ALA B 90 14.56 -12.60 36.32
N THR B 91 15.71 -12.82 35.68
CA THR B 91 16.98 -12.37 36.21
C THR B 91 17.31 -10.97 35.68
N SER B 103 7.38 -5.32 32.57
CA SER B 103 6.75 -4.72 33.75
C SER B 103 5.24 -4.62 33.58
N ASP B 104 4.72 -5.35 32.60
CA ASP B 104 3.29 -5.41 32.38
C ASP B 104 2.65 -6.28 33.46
N ASN B 105 2.55 -5.73 34.67
CA ASN B 105 1.94 -6.41 35.79
C ASN B 105 2.75 -7.65 36.16
N LYS B 106 4.02 -7.64 35.75
CA LYS B 106 4.96 -8.69 36.10
C LYS B 106 5.28 -8.58 37.59
N GLY B 107 5.08 -7.39 38.15
CA GLY B 107 5.35 -7.14 39.56
C GLY B 107 4.35 -6.23 40.23
N THR B 108 3.59 -5.48 39.46
CA THR B 108 2.59 -4.57 40.02
C THR B 108 1.51 -5.37 40.73
N LEU B 109 1.22 -6.56 40.22
CA LEU B 109 0.20 -7.43 40.80
C LEU B 109 0.64 -7.95 42.17
N MET B 110 1.87 -8.43 42.24
CA MET B 110 2.40 -9.00 43.48
C MET B 110 2.57 -7.96 44.57
N ALA B 111 2.94 -6.74 44.18
CA ALA B 111 3.22 -5.67 45.14
C ALA B 111 1.97 -5.26 45.91
N ARG B 112 0.84 -5.16 45.21
CA ARG B 112 -0.42 -4.79 45.83
C ARG B 112 -0.93 -5.90 46.74
N LEU B 113 -0.59 -7.14 46.39
CA LEU B 113 -1.10 -8.31 47.10
C LEU B 113 -0.46 -8.45 48.48
N PHE B 114 0.86 -8.33 48.54
CA PHE B 114 1.60 -8.49 49.79
C PHE B 114 1.25 -7.37 50.78
N ALA B 115 0.81 -6.23 50.26
CA ALA B 115 0.42 -5.10 51.09
C ALA B 115 -0.88 -5.41 51.84
N ILE B 116 -1.87 -5.92 51.10
CA ILE B 116 -3.14 -6.30 51.70
C ILE B 116 -2.92 -7.46 52.68
N LYS B 117 -2.01 -8.35 52.31
CA LYS B 117 -1.61 -9.45 53.18
C LYS B 117 -1.01 -8.91 54.48
N HIS B 118 -0.21 -7.86 54.36
CA HIS B 118 0.45 -7.26 55.51
C HIS B 118 -0.53 -6.53 56.42
N LEU B 119 -1.63 -6.02 55.85
CA LEU B 119 -2.64 -5.31 56.63
C LEU B 119 -3.63 -6.29 57.25
N LEU B 120 -3.83 -7.44 56.60
CA LEU B 120 -4.72 -8.47 57.12
C LEU B 120 -4.14 -9.11 58.37
N ASP B 121 -2.83 -9.27 58.40
CA ASP B 121 -2.15 -9.91 59.52
C ASP B 121 -2.19 -9.03 60.77
N LYS B 122 -2.16 -7.72 60.58
CA LYS B 122 -2.14 -6.77 61.69
C LYS B 122 -3.55 -6.34 62.08
N ASN B 123 -4.55 -6.73 61.29
CA ASN B 123 -5.94 -6.38 61.55
C ASN B 123 -6.17 -4.87 61.45
N GLU B 124 -5.34 -4.20 60.66
CA GLU B 124 -5.45 -2.76 60.46
C GLU B 124 -6.26 -2.44 59.20
N LEU B 125 -6.52 -3.46 58.39
CA LEU B 125 -7.30 -3.30 57.17
C LEU B 125 -8.74 -2.86 57.50
N ASN B 126 -9.13 -1.72 56.94
CA ASN B 126 -10.47 -1.17 57.17
C ASN B 126 -11.16 -0.80 55.87
N VAL B 127 -11.00 -1.66 54.87
CA VAL B 127 -11.64 -1.46 53.56
C VAL B 127 -11.90 -2.80 52.90
N ASN B 128 -13.10 -2.97 52.36
CA ASN B 128 -13.44 -4.16 51.59
C ASN B 128 -12.70 -4.16 50.26
N VAL B 129 -12.13 -5.29 49.90
CA VAL B 129 -11.32 -5.39 48.68
C VAL B 129 -11.77 -6.55 47.80
N LYS B 130 -12.13 -6.23 46.56
CA LYS B 130 -12.44 -7.23 45.55
C LYS B 130 -11.31 -7.24 44.52
N LEU B 131 -10.79 -8.42 44.24
CA LEU B 131 -9.68 -8.58 43.30
C LEU B 131 -10.18 -9.17 41.99
N LEU B 132 -9.86 -8.50 40.88
CA LEU B 132 -10.21 -8.98 39.55
C LEU B 132 -8.98 -8.95 38.66
N TYR B 133 -8.51 -10.12 38.25
CA TYR B 133 -7.30 -10.25 37.46
C TYR B 133 -7.62 -10.78 36.06
N GLU B 134 -7.28 -9.98 35.05
CA GLU B 134 -7.63 -10.30 33.66
C GLU B 134 -6.52 -11.10 32.95
N GLY B 140 -8.29 -4.15 20.59
CA GLY B 140 -8.92 -3.06 21.33
C GLY B 140 -9.81 -3.55 22.45
N SER B 141 -9.43 -4.67 23.07
CA SER B 141 -10.17 -5.24 24.18
C SER B 141 -11.63 -5.51 23.79
N VAL B 142 -11.80 -6.07 22.60
CA VAL B 142 -13.13 -6.33 22.05
C VAL B 142 -14.01 -7.14 22.99
N ASN B 143 -13.40 -8.12 23.67
CA ASN B 143 -14.10 -8.95 24.65
C ASN B 143 -14.08 -8.28 26.03
N LEU B 144 -13.95 -9.09 27.07
CA LEU B 144 -13.84 -8.61 28.46
C LEU B 144 -15.12 -7.95 28.98
N GLU B 145 -15.70 -7.04 28.20
CA GLU B 145 -16.93 -6.37 28.59
C GLU B 145 -18.04 -7.38 28.86
N ASP B 146 -17.99 -8.50 28.16
CA ASP B 146 -19.03 -9.52 28.28
C ASP B 146 -19.05 -10.11 29.69
N TYR B 147 -17.88 -10.32 30.27
CA TYR B 147 -17.81 -10.87 31.63
C TYR B 147 -18.40 -9.90 32.65
N ILE B 148 -18.02 -8.64 32.55
CA ILE B 148 -18.40 -7.64 33.54
C ILE B 148 -19.90 -7.41 33.59
N GLU B 149 -20.55 -7.45 32.43
CA GLU B 149 -21.98 -7.17 32.34
C GLU B 149 -22.83 -8.22 33.08
N LYS B 150 -22.32 -9.45 33.15
CA LYS B 150 -23.06 -10.53 33.78
C LYS B 150 -22.64 -10.73 35.25
N ASN B 151 -21.82 -9.83 35.76
CA ASN B 151 -21.37 -9.89 37.14
C ASN B 151 -21.32 -8.49 37.78
N THR B 152 -22.34 -7.69 37.50
CA THR B 152 -22.37 -6.31 37.95
C THR B 152 -22.58 -6.19 39.47
N ASN B 153 -23.44 -7.06 40.02
CA ASN B 153 -23.72 -7.05 41.45
C ASN B 153 -22.51 -7.53 42.25
N LYS B 154 -21.83 -8.54 41.74
CA LYS B 154 -20.67 -9.11 42.41
C LYS B 154 -19.51 -8.12 42.46
N LEU B 155 -19.39 -7.28 41.45
CA LEU B 155 -18.24 -6.40 41.31
C LEU B 155 -18.50 -4.98 41.83
N LYS B 156 -19.57 -4.79 42.58
CA LYS B 156 -19.90 -3.48 43.11
C LYS B 156 -18.78 -2.96 44.02
N ALA B 157 -18.46 -1.68 43.88
CA ALA B 157 -17.42 -1.06 44.70
C ALA B 157 -17.55 0.45 44.65
N ASP B 158 -17.00 1.12 45.67
CA ASP B 158 -17.07 2.58 45.75
C ASP B 158 -16.06 3.22 44.81
N SER B 159 -14.88 2.63 44.73
CA SER B 159 -13.85 3.08 43.80
C SER B 159 -13.15 1.89 43.16
N VAL B 160 -12.32 2.15 42.16
CA VAL B 160 -11.58 1.09 41.47
C VAL B 160 -10.17 1.56 41.11
N ILE B 161 -9.22 0.64 41.22
CA ILE B 161 -7.83 0.91 40.84
C ILE B 161 -7.44 0.03 39.66
N MET B 162 -6.88 0.66 38.62
CA MET B 162 -6.52 -0.04 37.38
C MET B 162 -5.21 -0.83 37.54
N GLU B 163 -4.63 -1.20 36.41
CA GLU B 163 -3.44 -2.06 36.39
C GLU B 163 -2.26 -1.51 37.18
N GLY B 164 -2.17 -0.18 37.26
CA GLY B 164 -1.08 0.48 37.94
C GLY B 164 -0.30 1.41 37.03
N ALA B 165 0.49 2.30 37.64
CA ALA B 165 1.29 3.26 36.89
C ALA B 165 2.76 3.11 37.25
N GLY B 166 3.62 3.32 36.26
CA GLY B 166 5.06 3.15 36.44
C GLY B 166 5.71 4.28 37.21
N LEU B 167 7.05 4.24 37.27
CA LEU B 167 7.82 5.22 38.02
C LEU B 167 8.09 6.50 37.24
N ASP B 168 7.90 6.46 35.92
CA ASP B 168 8.13 7.63 35.05
C ASP B 168 9.62 7.95 34.93
N PRO B 169 10.01 8.74 33.92
CA PRO B 169 11.42 9.06 33.72
C PRO B 169 12.05 9.79 34.90
N LYS B 170 11.28 10.67 35.54
CA LYS B 170 11.77 11.44 36.68
C LYS B 170 11.98 10.56 37.90
N GLY B 171 11.26 9.44 37.96
CA GLY B 171 11.29 8.57 39.12
C GLY B 171 10.21 8.94 40.11
N ARG B 172 9.59 10.09 39.91
CA ARG B 172 8.49 10.54 40.75
C ARG B 172 7.25 9.70 40.44
N PRO B 173 6.45 9.39 41.48
CA PRO B 173 5.26 8.56 41.26
C PRO B 173 4.28 9.21 40.29
N GLN B 174 3.83 8.46 39.29
CA GLN B 174 2.97 8.98 38.24
C GLN B 174 1.53 8.50 38.45
N ILE B 175 0.60 9.45 38.55
CA ILE B 175 -0.79 9.14 38.79
C ILE B 175 -1.65 9.61 37.63
N VAL B 176 -2.22 8.67 36.87
CA VAL B 176 -3.10 9.03 35.76
C VAL B 176 -4.56 8.80 36.14
N LEU B 177 -5.36 9.84 36.02
CA LEU B 177 -6.73 9.83 36.52
C LEU B 177 -7.76 9.43 35.47
N GLY B 178 -7.30 8.88 34.35
CA GLY B 178 -8.21 8.50 33.30
C GLY B 178 -7.56 8.09 31.98
N VAL B 179 -8.40 7.86 30.98
CA VAL B 179 -7.94 7.43 29.66
C VAL B 179 -8.75 8.09 28.55
N LYS B 180 -8.16 8.16 27.36
CA LYS B 180 -8.90 8.55 26.18
C LYS B 180 -9.68 7.35 25.67
N GLY B 181 -10.85 7.60 25.10
CA GLY B 181 -11.64 6.55 24.48
C GLY B 181 -11.02 6.15 23.16
N LEU B 182 -11.60 5.16 22.50
CA LEU B 182 -11.04 4.66 21.26
C LEU B 182 -12.12 4.18 20.30
N LEU B 183 -11.90 4.45 19.02
CA LEU B 183 -12.68 3.86 17.94
C LEU B 183 -11.70 3.45 16.86
N TYR B 184 -11.67 2.17 16.55
CA TYR B 184 -10.81 1.65 15.49
C TYR B 184 -11.68 1.30 14.29
N VAL B 185 -11.25 1.74 13.10
CA VAL B 185 -12.01 1.51 11.89
C VAL B 185 -11.11 1.12 10.73
N GLU B 186 -11.61 0.22 9.89
CA GLU B 186 -10.95 -0.14 8.65
C GLU B 186 -11.90 0.16 7.49
N LEU B 187 -11.37 0.81 6.46
CA LEU B 187 -12.14 1.13 5.27
C LEU B 187 -11.57 0.30 4.13
N VAL B 188 -12.46 -0.31 3.35
CA VAL B 188 -12.05 -1.14 2.23
C VAL B 188 -12.82 -0.77 0.96
N LEU B 189 -12.09 -0.55 -0.12
CA LEU B 189 -12.67 -0.40 -1.45
C LEU B 189 -12.26 -1.59 -2.28
N ASP B 190 -13.19 -2.14 -3.05
CA ASP B 190 -12.91 -3.26 -3.93
C ASP B 190 -13.74 -3.10 -5.19
N TYR B 191 -13.07 -2.74 -6.29
CA TYR B 191 -13.74 -2.32 -7.51
C TYR B 191 -13.79 -3.41 -8.57
N GLY B 192 -13.12 -4.52 -8.33
CA GLY B 192 -13.11 -5.60 -9.30
C GLY B 192 -12.36 -6.82 -8.79
N THR B 193 -12.27 -7.83 -9.64
CA THR B 193 -11.68 -9.11 -9.24
C THR B 193 -10.16 -9.13 -9.34
N LYS B 194 -9.59 -8.29 -10.21
CA LYS B 194 -8.14 -8.27 -10.40
C LYS B 194 -7.58 -6.91 -10.79
N ASP B 195 -6.29 -6.71 -10.53
CA ASP B 195 -5.59 -5.52 -10.95
C ASP B 195 -5.58 -5.47 -12.48
N LEU B 196 -5.65 -4.27 -13.02
CA LEU B 196 -5.60 -4.08 -14.46
C LEU B 196 -4.30 -3.39 -14.81
N HIS B 197 -3.85 -3.59 -16.04
CA HIS B 197 -2.73 -2.81 -16.53
C HIS B 197 -3.14 -1.34 -16.57
N SER B 198 -2.23 -0.46 -16.18
CA SER B 198 -2.57 0.95 -15.99
C SER B 198 -3.00 1.66 -17.28
N SER B 199 -2.73 1.05 -18.42
CA SER B 199 -3.13 1.61 -19.70
C SER B 199 -4.65 1.72 -19.78
N ASN B 200 -5.35 0.93 -18.97
CA ASN B 200 -6.82 0.97 -18.90
C ASN B 200 -7.36 2.05 -17.98
N ALA B 201 -6.47 2.80 -17.34
CA ALA B 201 -6.87 3.83 -16.37
C ALA B 201 -7.98 4.78 -16.85
N PRO B 202 -7.96 5.15 -18.14
CA PRO B 202 -9.03 6.04 -18.62
C PRO B 202 -10.44 5.44 -18.53
N LEU B 203 -10.55 4.12 -18.44
CA LEU B 203 -11.84 3.44 -18.53
C LEU B 203 -12.48 3.12 -17.18
N VAL B 204 -11.72 3.24 -16.09
CA VAL B 204 -12.21 2.84 -14.77
C VAL B 204 -11.86 3.85 -13.68
N ARG B 205 -12.42 3.64 -12.50
CA ARG B 205 -12.06 4.41 -11.33
C ARG B 205 -10.90 3.70 -10.65
N ASN B 206 -10.02 4.47 -10.02
CA ASN B 206 -8.91 3.92 -9.29
C ASN B 206 -9.23 3.97 -7.80
N PRO B 207 -9.22 2.82 -7.11
CA PRO B 207 -9.60 2.84 -5.69
C PRO B 207 -8.57 3.51 -4.78
N CYS B 208 -7.30 3.57 -5.19
CA CYS B 208 -6.28 4.22 -4.37
C CYS B 208 -6.58 5.70 -4.24
N ILE B 209 -6.80 6.36 -5.37
CA ILE B 209 -7.05 7.79 -5.36
C ILE B 209 -8.40 8.07 -4.70
N ASP B 210 -9.35 7.16 -4.88
CA ASP B 210 -10.67 7.32 -4.29
C ASP B 210 -10.58 7.28 -2.75
N LEU B 211 -9.87 6.30 -2.22
CA LEU B 211 -9.76 6.17 -0.77
C LEU B 211 -8.86 7.26 -0.19
N ALA B 212 -7.88 7.70 -0.98
CA ALA B 212 -7.01 8.80 -0.58
C ALA B 212 -7.84 10.08 -0.43
N LYS B 213 -8.75 10.30 -1.37
CA LYS B 213 -9.60 11.48 -1.33
C LYS B 213 -10.59 11.42 -0.16
N ILE B 214 -11.15 10.24 0.10
CA ILE B 214 -12.05 10.04 1.24
C ILE B 214 -11.36 10.41 2.54
N ILE B 215 -10.16 9.87 2.73
CA ILE B 215 -9.36 10.09 3.92
C ILE B 215 -9.04 11.57 4.11
N SER B 216 -8.82 12.25 2.98
CA SER B 216 -8.46 13.67 2.99
C SER B 216 -9.60 14.57 3.45
N THR B 217 -10.84 14.09 3.36
CA THR B 217 -12.00 14.87 3.79
C THR B 217 -12.20 14.81 5.31
N LEU B 218 -11.48 13.91 5.98
CA LEU B 218 -11.71 13.66 7.40
C LEU B 218 -11.10 14.73 8.31
N VAL B 219 -9.97 15.28 7.89
CA VAL B 219 -9.23 16.25 8.70
C VAL B 219 -8.72 17.41 7.86
N ASP B 220 -8.48 18.56 8.48
CA ASP B 220 -7.88 19.67 7.77
C ASP B 220 -6.35 19.58 7.84
N MET B 221 -5.69 20.60 7.31
CA MET B 221 -4.24 20.66 7.27
C MET B 221 -3.62 20.52 8.66
N GLY B 222 -4.23 21.14 9.66
CA GLY B 222 -3.69 21.15 11.01
C GLY B 222 -4.14 19.99 11.88
N GLY B 223 -4.90 19.05 11.30
CA GLY B 223 -5.30 17.85 12.02
C GLY B 223 -6.66 17.93 12.70
N ARG B 224 -7.33 19.07 12.58
CA ARG B 224 -8.67 19.20 13.13
C ARG B 224 -9.65 18.33 12.34
N VAL B 225 -10.45 17.55 13.07
CA VAL B 225 -11.41 16.62 12.48
C VAL B 225 -12.59 17.38 11.87
N LEU B 226 -12.95 17.00 10.65
CA LEU B 226 -13.96 17.73 9.88
C LEU B 226 -15.30 16.98 9.82
N ILE B 227 -15.35 15.83 10.49
CA ILE B 227 -16.59 15.07 10.59
C ILE B 227 -17.62 15.93 11.33
N GLU B 228 -18.78 16.15 10.71
CA GLU B 228 -19.82 16.98 11.31
C GLU B 228 -20.26 16.43 12.65
N GLY B 229 -20.25 17.30 13.67
CA GLY B 229 -20.70 16.92 15.00
C GLY B 229 -19.66 16.23 15.85
N PHE B 230 -18.43 16.11 15.34
CA PHE B 230 -17.38 15.37 16.04
C PHE B 230 -17.03 16.01 17.38
N TYR B 231 -17.04 17.34 17.42
CA TYR B 231 -16.63 18.09 18.62
C TYR B 231 -17.79 18.52 19.51
N ASP B 232 -19.03 18.26 19.08
CA ASP B 232 -20.20 18.70 19.84
C ASP B 232 -20.26 18.15 21.27
N ASP B 233 -19.70 16.97 21.49
CA ASP B 233 -19.76 16.31 22.81
C ASP B 233 -18.50 16.51 23.64
N VAL B 234 -17.52 17.20 23.08
CA VAL B 234 -16.30 17.51 23.81
C VAL B 234 -16.61 18.62 24.79
N ARG B 235 -16.39 18.36 26.07
CA ARG B 235 -16.64 19.35 27.11
C ARG B 235 -15.36 20.11 27.45
N GLU B 236 -15.53 21.33 27.91
CA GLU B 236 -14.41 22.13 28.40
C GLU B 236 -13.83 21.43 29.62
N LEU B 237 -12.57 21.73 29.94
CA LEU B 237 -11.96 21.17 31.14
C LEU B 237 -12.46 21.92 32.38
N THR B 238 -12.49 21.23 33.50
CA THR B 238 -12.76 21.89 34.78
C THR B 238 -11.53 22.70 35.16
N GLU B 239 -11.67 23.57 36.16
CA GLU B 239 -10.54 24.37 36.63
C GLU B 239 -9.43 23.48 37.18
N GLU B 240 -9.81 22.37 37.80
CA GLU B 240 -8.85 21.45 38.39
C GLU B 240 -8.08 20.72 37.29
N GLU B 241 -8.78 20.32 36.25
CA GLU B 241 -8.17 19.63 35.13
C GLU B 241 -7.19 20.55 34.42
N ARG B 242 -7.58 21.81 34.27
CA ARG B 242 -6.70 22.81 33.67
C ARG B 242 -5.45 23.01 34.50
N GLU B 243 -5.61 23.03 35.82
CA GLU B 243 -4.49 23.23 36.73
C GLU B 243 -3.47 22.10 36.58
N LEU B 244 -3.94 20.87 36.43
CA LEU B 244 -3.06 19.72 36.31
C LEU B 244 -2.24 19.75 35.03
N ILE B 245 -2.88 20.16 33.94
CA ILE B 245 -2.20 20.26 32.65
C ILE B 245 -1.14 21.36 32.70
N LYS B 246 -1.45 22.43 33.42
CA LYS B 246 -0.48 23.51 33.62
C LYS B 246 0.69 23.02 34.47
N LYS B 247 0.40 22.25 35.52
CA LYS B 247 1.44 21.71 36.40
C LYS B 247 2.26 20.61 35.73
N TYR B 248 1.71 20.00 34.68
CA TYR B 248 2.33 18.84 34.06
C TYR B 248 3.69 19.21 33.46
N ASP B 249 4.74 18.57 33.97
CA ASP B 249 6.11 18.92 33.60
C ASP B 249 6.68 17.95 32.57
N ILE B 250 6.77 18.42 31.33
CA ILE B 250 7.41 17.66 30.26
C ILE B 250 8.63 18.42 29.78
N ASP B 251 9.74 17.69 29.63
CA ASP B 251 10.94 18.25 29.02
C ASP B 251 10.81 18.08 27.51
N VAL B 252 10.61 19.20 26.82
CA VAL B 252 10.35 19.20 25.39
C VAL B 252 11.49 18.55 24.60
N GLU B 253 12.72 18.95 24.90
CA GLU B 253 13.88 18.47 24.16
C GLU B 253 14.02 16.96 24.31
N GLU B 254 13.68 16.45 25.49
CA GLU B 254 13.78 15.03 25.75
C GLU B 254 12.65 14.27 25.06
N LEU B 255 11.46 14.87 25.05
CA LEU B 255 10.31 14.26 24.37
C LEU B 255 10.59 14.16 22.88
N LYS B 256 11.02 15.28 22.30
CA LYS B 256 11.29 15.35 20.88
C LYS B 256 12.37 14.34 20.48
N LYS B 257 13.38 14.19 21.33
CA LYS B 257 14.48 13.27 21.05
C LYS B 257 14.01 11.82 21.12
N ALA B 258 13.16 11.53 22.12
CA ALA B 258 12.68 10.17 22.34
C ALA B 258 11.69 9.73 21.28
N LEU B 259 11.01 10.68 20.66
CA LEU B 259 10.05 10.36 19.59
C LEU B 259 10.77 10.02 18.29
N GLY B 260 11.69 10.90 17.88
CA GLY B 260 12.50 10.66 16.71
C GLY B 260 12.01 11.38 15.47
N PHE B 261 10.92 12.12 15.60
CA PHE B 261 10.41 12.92 14.49
C PHE B 261 11.24 14.19 14.33
N LYS B 262 11.45 14.59 13.08
CA LYS B 262 12.27 15.74 12.76
C LYS B 262 11.66 17.02 13.34
N GLU B 263 10.34 17.03 13.52
CA GLU B 263 9.65 18.22 13.99
C GLU B 263 8.33 17.89 14.68
N LEU B 264 8.05 18.61 15.76
CA LEU B 264 6.78 18.52 16.46
C LEU B 264 5.92 19.72 16.07
N LYS B 265 4.61 19.56 16.16
CA LYS B 265 3.69 20.65 15.79
C LYS B 265 3.79 21.81 16.78
N TYR B 266 4.19 21.51 18.00
CA TYR B 266 4.31 22.53 19.04
C TYR B 266 5.67 22.44 19.76
N ASN B 267 6.15 23.58 20.23
CA ASN B 267 7.43 23.65 20.95
C ASN B 267 7.25 23.96 22.44
N GLU B 268 6.20 24.68 22.78
CA GLU B 268 5.93 25.08 24.16
C GLU B 268 5.37 23.91 24.95
N LYS B 269 5.88 23.71 26.17
CA LYS B 269 5.50 22.57 27.00
C LYS B 269 4.03 22.59 27.39
N GLU B 270 3.50 23.78 27.65
CA GLU B 270 2.08 23.93 27.97
C GLU B 270 1.24 23.42 26.79
N LYS B 271 1.58 23.89 25.60
CA LYS B 271 0.86 23.52 24.39
C LYS B 271 0.91 22.01 24.17
N ILE B 272 2.09 21.42 24.36
CA ILE B 272 2.27 19.99 24.16
C ILE B 272 1.40 19.17 25.13
N ALA B 273 1.40 19.59 26.39
CA ALA B 273 0.62 18.90 27.41
C ALA B 273 -0.86 18.96 27.05
N GLU B 274 -1.31 20.13 26.63
CA GLU B 274 -2.71 20.35 26.30
C GLU B 274 -3.12 19.46 25.13
N ALA B 275 -2.34 19.47 24.05
CA ALA B 275 -2.68 18.70 22.86
C ALA B 275 -2.65 17.20 23.13
N LEU B 276 -1.59 16.75 23.80
CA LEU B 276 -1.37 15.33 24.04
C LEU B 276 -2.49 14.70 24.88
N LEU B 277 -3.04 15.47 25.82
CA LEU B 277 -3.97 14.93 26.80
C LEU B 277 -5.44 15.35 26.59
N THR B 278 -5.65 16.43 25.83
CA THR B 278 -6.98 17.03 25.71
C THR B 278 -7.58 16.95 24.31
N TYR B 279 -6.74 16.80 23.29
CA TYR B 279 -7.23 16.80 21.91
C TYR B 279 -7.67 15.42 21.45
N PRO B 280 -8.92 15.31 20.95
CA PRO B 280 -9.26 14.06 20.27
C PRO B 280 -8.58 14.01 18.90
N THR B 281 -8.46 12.82 18.31
CA THR B 281 -7.72 12.66 17.06
C THR B 281 -8.45 11.84 16.01
N CYS B 282 -7.99 11.96 14.78
CA CYS B 282 -8.36 11.05 13.70
C CYS B 282 -7.07 10.69 12.98
N ASN B 283 -6.51 9.54 13.34
CA ASN B 283 -5.19 9.14 12.88
C ASN B 283 -5.25 7.96 11.93
N VAL B 284 -4.45 8.03 10.87
CA VAL B 284 -4.31 6.93 9.93
C VAL B 284 -3.15 6.05 10.38
N ASP B 285 -3.47 4.83 10.74
CA ASP B 285 -2.48 3.86 11.17
C ASP B 285 -1.89 3.12 9.97
N GLY B 286 -2.63 3.09 8.88
CA GLY B 286 -2.21 2.31 7.73
C GLY B 286 -3.01 2.60 6.48
N PHE B 287 -2.34 2.44 5.34
CA PHE B 287 -2.98 2.57 4.04
C PHE B 287 -2.15 1.71 3.10
N GLU B 288 -2.81 0.75 2.45
CA GLU B 288 -2.17 -0.11 1.47
C GLU B 288 -3.00 -0.21 0.20
N CYS B 289 -2.34 -0.08 -0.94
CA CYS B 289 -2.98 -0.27 -2.23
C CYS B 289 -1.94 -0.51 -3.31
N GLY B 290 -2.19 -1.51 -4.14
CA GLY B 290 -1.39 -1.73 -5.33
C GLY B 290 0.02 -2.23 -5.07
N TYR B 291 0.87 -2.04 -6.07
CA TYR B 291 2.24 -2.54 -6.03
C TYR B 291 3.17 -1.52 -5.39
N THR B 292 3.98 -2.00 -4.45
CA THR B 292 4.83 -1.11 -3.66
C THR B 292 6.20 -1.74 -3.39
N GLY B 293 6.62 -2.63 -4.30
CA GLY B 293 7.91 -3.28 -4.20
C GLY B 293 8.96 -2.53 -5.01
N LYS B 294 10.16 -3.10 -5.09
CA LYS B 294 11.26 -2.49 -5.84
C LYS B 294 10.99 -2.54 -7.34
N GLY B 295 11.34 -1.46 -8.04
CA GLY B 295 11.11 -1.36 -9.46
C GLY B 295 9.74 -0.79 -9.76
N SER B 296 9.19 -1.14 -10.92
CA SER B 296 7.88 -0.62 -11.34
C SER B 296 6.99 -1.68 -11.98
N LYS B 297 5.83 -1.88 -11.36
CA LYS B 297 4.76 -2.68 -11.96
C LYS B 297 3.57 -1.75 -12.14
N THR B 298 3.21 -1.48 -13.38
CA THR B 298 2.22 -0.45 -13.69
C THR B 298 0.81 -1.02 -13.79
N ILE B 299 -0.06 -0.58 -12.88
CA ILE B 299 -1.40 -1.17 -12.75
C ILE B 299 -2.46 -0.21 -12.22
N VAL B 300 -3.72 -0.56 -12.46
CA VAL B 300 -4.82 -0.01 -11.68
C VAL B 300 -5.19 -1.09 -10.66
N PRO B 301 -4.92 -0.84 -9.37
CA PRO B 301 -5.29 -1.89 -8.40
C PRO B 301 -6.80 -2.00 -8.26
N HIS B 302 -7.29 -3.17 -7.85
CA HIS B 302 -8.73 -3.38 -7.70
C HIS B 302 -9.16 -3.18 -6.26
N ARG B 303 -8.20 -3.15 -5.35
CA ARG B 303 -8.49 -3.12 -3.91
C ARG B 303 -7.62 -2.10 -3.19
N ALA B 304 -8.21 -1.42 -2.20
CA ALA B 304 -7.47 -0.51 -1.34
C ALA B 304 -8.07 -0.55 0.06
N PHE B 305 -7.24 -0.42 1.08
CA PHE B 305 -7.75 -0.27 2.43
C PHE B 305 -6.92 0.65 3.30
N ALA B 306 -7.55 1.14 4.37
CA ALA B 306 -6.92 2.05 5.30
C ALA B 306 -7.43 1.79 6.69
N LYS B 307 -6.56 1.91 7.68
CA LYS B 307 -6.92 1.74 9.08
C LYS B 307 -6.88 3.08 9.80
N LEU B 308 -7.93 3.35 10.57
CA LEU B 308 -8.04 4.59 11.32
C LEU B 308 -8.24 4.29 12.80
N ASP B 309 -7.72 5.17 13.66
CA ASP B 309 -8.05 5.12 15.07
C ASP B 309 -8.40 6.53 15.53
N PHE B 310 -9.49 6.64 16.28
CA PHE B 310 -9.92 7.91 16.87
C PHE B 310 -9.69 7.85 18.38
N ARG B 311 -8.90 8.79 18.90
CA ARG B 311 -8.75 8.95 20.33
C ARG B 311 -9.82 9.93 20.80
N LEU B 312 -10.63 9.50 21.75
CA LEU B 312 -11.78 10.28 22.18
C LEU B 312 -11.56 10.86 23.59
N VAL B 313 -12.15 12.02 23.83
CA VAL B 313 -12.12 12.67 25.12
C VAL B 313 -13.55 12.89 25.60
N PRO B 314 -13.74 13.15 26.91
CA PRO B 314 -15.10 13.32 27.44
C PRO B 314 -15.80 14.51 26.78
N ASN B 315 -17.10 14.46 26.46
CA ASN B 315 -17.98 13.31 26.70
C ASN B 315 -18.33 12.58 25.40
N GLN B 316 -17.33 12.32 24.57
CA GLN B 316 -17.56 11.65 23.30
C GLN B 316 -17.91 10.17 23.53
N ASP B 317 -18.79 9.65 22.68
CA ASP B 317 -19.22 8.26 22.74
C ASP B 317 -18.74 7.58 21.47
N PRO B 318 -17.97 6.48 21.59
CA PRO B 318 -17.41 5.86 20.39
C PRO B 318 -18.47 5.41 19.39
N TYR B 319 -19.61 4.97 19.91
CA TYR B 319 -20.70 4.50 19.04
C TYR B 319 -21.35 5.67 18.33
N LYS B 320 -21.46 6.80 19.03
CA LYS B 320 -22.01 8.00 18.42
C LYS B 320 -21.05 8.52 17.35
N VAL B 321 -19.76 8.57 17.68
CA VAL B 321 -18.74 9.02 16.74
C VAL B 321 -18.75 8.14 15.50
N PHE B 322 -18.90 6.84 15.71
CA PHE B 322 -18.93 5.89 14.60
C PHE B 322 -20.07 6.24 13.64
N GLU B 323 -21.23 6.58 14.19
CA GLU B 323 -22.37 6.94 13.36
C GLU B 323 -22.11 8.25 12.61
N LEU B 324 -21.53 9.23 13.32
CA LEU B 324 -21.17 10.50 12.69
C LEU B 324 -20.22 10.28 11.52
N LEU B 325 -19.32 9.33 11.69
CA LEU B 325 -18.36 8.99 10.65
C LEU B 325 -19.08 8.40 9.44
N LYS B 326 -20.02 7.48 9.69
CA LYS B 326 -20.76 6.84 8.61
C LYS B 326 -21.55 7.87 7.81
N LYS B 327 -22.18 8.81 8.50
CA LYS B 327 -22.92 9.87 7.83
C LYS B 327 -22.00 10.70 6.95
N HIS B 328 -20.81 10.99 7.48
CA HIS B 328 -19.81 11.76 6.75
C HIS B 328 -19.36 11.03 5.50
N LEU B 329 -19.04 9.74 5.64
CA LEU B 329 -18.55 8.95 4.52
C LEU B 329 -19.57 8.90 3.40
N GLN B 330 -20.84 8.83 3.77
CA GLN B 330 -21.92 8.78 2.78
C GLN B 330 -21.96 10.07 1.95
N LYS B 331 -21.84 11.21 2.63
CA LYS B 331 -21.80 12.50 1.94
C LYS B 331 -20.55 12.62 1.07
N ALA B 332 -19.52 11.85 1.40
CA ALA B 332 -18.26 11.91 0.70
C ALA B 332 -18.22 10.95 -0.48
N GLY B 333 -19.31 10.20 -0.68
CA GLY B 333 -19.40 9.26 -1.78
C GLY B 333 -18.66 7.95 -1.55
N PHE B 334 -18.50 7.56 -0.29
CA PHE B 334 -17.79 6.33 0.03
C PHE B 334 -18.55 5.09 -0.43
N ASN B 335 -17.94 4.34 -1.35
CA ASN B 335 -18.56 3.17 -1.94
C ASN B 335 -17.77 1.92 -1.61
N GLY B 336 -17.86 1.47 -0.37
CA GLY B 336 -17.14 0.29 0.06
C GLY B 336 -17.59 -0.22 1.42
N GLU B 337 -16.69 -0.97 2.07
CA GLU B 337 -17.00 -1.64 3.32
C GLU B 337 -16.39 -0.89 4.50
N ILE B 338 -17.13 -0.82 5.58
CA ILE B 338 -16.65 -0.24 6.84
C ILE B 338 -16.68 -1.30 7.93
N LEU B 339 -15.56 -1.45 8.63
CA LEU B 339 -15.46 -2.37 9.75
C LEU B 339 -14.93 -1.59 10.94
N ALA B 340 -15.49 -1.86 12.12
CA ALA B 340 -15.11 -1.17 13.33
C ALA B 340 -14.95 -2.14 14.49
N HIS B 341 -14.16 -1.75 15.48
CA HIS B 341 -13.99 -2.53 16.70
C HIS B 341 -13.26 -1.71 17.76
N GLY B 342 -13.19 -2.26 18.97
CA GLY B 342 -12.45 -1.63 20.05
C GLY B 342 -13.10 -0.39 20.62
N PHE B 343 -14.41 -0.28 20.50
CA PHE B 343 -15.16 0.83 21.06
C PHE B 343 -14.88 0.96 22.55
N GLU B 344 -14.19 2.02 22.96
CA GLU B 344 -13.94 2.27 24.38
C GLU B 344 -14.28 3.71 24.74
N TYR B 345 -14.86 3.89 25.93
CA TYR B 345 -15.29 5.21 26.37
C TYR B 345 -14.15 5.95 27.07
N PRO B 346 -14.12 7.28 26.96
CA PRO B 346 -13.12 8.07 27.69
C PRO B 346 -13.50 8.20 29.16
N VAL B 347 -12.53 8.50 30.02
CA VAL B 347 -12.77 8.58 31.46
C VAL B 347 -11.90 9.66 32.10
N ARG B 348 -12.52 10.47 32.95
CA ARG B 348 -11.81 11.40 33.81
C ARG B 348 -12.45 11.41 35.19
N THR B 349 -11.69 10.97 36.18
CA THR B 349 -12.19 10.85 37.53
C THR B 349 -11.64 11.98 38.39
N SER B 350 -12.54 12.67 39.08
CA SER B 350 -12.22 13.89 39.83
C SER B 350 -11.02 13.73 40.76
N VAL B 351 -10.13 14.71 40.72
CA VAL B 351 -8.94 14.68 41.56
C VAL B 351 -9.30 14.90 43.03
N ASN B 352 -10.43 15.59 43.25
CA ASN B 352 -10.90 15.88 44.59
C ASN B 352 -11.44 14.65 45.32
N SER B 353 -11.82 13.63 44.57
CA SER B 353 -12.40 12.42 45.15
C SER B 353 -11.44 11.79 46.15
N THR B 354 -12.00 11.18 47.20
CA THR B 354 -11.21 10.66 48.32
C THR B 354 -10.19 9.61 47.91
N VAL B 355 -10.50 8.85 46.86
CA VAL B 355 -9.59 7.81 46.40
C VAL B 355 -8.35 8.41 45.77
N VAL B 356 -8.50 9.55 45.10
CA VAL B 356 -7.38 10.25 44.48
C VAL B 356 -6.55 10.96 45.54
N LYS B 357 -7.23 11.67 46.45
CA LYS B 357 -6.55 12.32 47.56
C LYS B 357 -5.69 11.32 48.31
N ALA B 358 -6.20 10.11 48.45
CA ALA B 358 -5.49 9.05 49.15
C ALA B 358 -4.27 8.60 48.36
N MET B 359 -4.39 8.57 47.04
CA MET B 359 -3.27 8.13 46.20
C MET B 359 -2.14 9.16 46.18
N ILE B 360 -2.49 10.44 46.18
CA ILE B 360 -1.50 11.50 46.13
C ILE B 360 -0.73 11.60 47.44
N GLU B 361 -1.46 11.70 48.54
CA GLU B 361 -0.85 11.89 49.86
C GLU B 361 0.00 10.69 50.28
N SER B 362 -0.38 9.50 49.82
CA SER B 362 0.34 8.29 50.18
C SER B 362 1.64 8.17 49.40
N ALA B 363 1.64 8.61 48.14
CA ALA B 363 2.82 8.55 47.30
C ALA B 363 3.91 9.47 47.85
N LYS B 364 3.52 10.67 48.24
CA LYS B 364 4.45 11.66 48.78
C LYS B 364 5.20 11.13 50.01
N LYS B 365 4.55 10.26 50.77
CA LYS B 365 5.13 9.73 51.99
C LYS B 365 6.19 8.67 51.70
N VAL B 366 5.92 7.83 50.70
CA VAL B 366 6.78 6.69 50.40
C VAL B 366 7.89 7.05 49.41
N TYR B 367 7.58 7.92 48.46
CA TYR B 367 8.51 8.25 47.37
C TYR B 367 9.31 9.51 47.64
N GLY B 368 8.83 10.36 48.54
CA GLY B 368 9.51 11.60 48.86
C GLY B 368 9.41 12.61 47.74
N GLU B 370 7.56 15.07 44.17
CA GLU B 370 6.12 15.27 44.07
C GLU B 370 5.54 14.30 43.03
N PRO B 371 4.34 13.74 43.31
CA PRO B 371 3.74 12.87 42.29
C PRO B 371 3.23 13.64 41.08
N GLN B 372 3.55 13.15 39.88
CA GLN B 372 3.08 13.76 38.64
C GLN B 372 1.67 13.27 38.31
N VAL B 373 0.69 14.17 38.46
CA VAL B 373 -0.71 13.81 38.27
C VAL B 373 -1.27 14.40 36.98
N ILE B 374 -1.95 13.56 36.19
CA ILE B 374 -2.59 14.01 34.95
C ILE B 374 -4.03 13.54 34.86
N PRO B 375 -4.92 14.39 34.31
CA PRO B 375 -6.35 14.07 34.24
C PRO B 375 -6.62 12.77 33.47
N ASN B 376 -5.76 12.43 32.53
CA ASN B 376 -5.89 11.20 31.77
C ASN B 376 -4.64 10.94 30.94
N SER B 377 -4.48 9.69 30.50
CA SER B 377 -3.36 9.34 29.63
C SER B 377 -3.68 9.75 28.19
N ALA B 378 -2.64 9.83 27.37
CA ALA B 378 -2.82 10.05 25.94
C ALA B 378 -3.40 8.78 25.33
N GLY B 379 -3.09 7.64 25.97
CA GLY B 379 -3.50 6.34 25.47
C GLY B 379 -4.84 5.88 25.99
N THR B 380 -5.14 4.61 25.76
CA THR B 380 -6.47 4.05 26.03
C THR B 380 -6.38 2.73 26.79
N GLN B 381 -7.28 2.57 27.77
CA GLN B 381 -7.45 1.31 28.49
C GLN B 381 -8.92 1.09 28.79
N PRO B 382 -9.33 -0.15 29.10
CA PRO B 382 -10.75 -0.43 29.37
C PRO B 382 -11.21 0.05 30.77
N MET B 383 -10.72 1.21 31.18
CA MET B 383 -11.13 1.85 32.42
C MET B 383 -12.63 2.16 32.36
N GLY B 384 -13.12 2.47 31.16
CA GLY B 384 -14.49 2.90 30.97
C GLY B 384 -15.52 1.82 31.26
N LEU B 385 -15.08 0.57 31.25
CA LEU B 385 -15.97 -0.54 31.56
C LEU B 385 -16.34 -0.50 33.04
N PHE B 386 -15.38 -0.10 33.87
CA PHE B 386 -15.59 -0.10 35.31
C PHE B 386 -16.37 1.14 35.78
N VAL B 387 -16.38 2.18 34.96
CA VAL B 387 -17.09 3.41 35.30
C VAL B 387 -18.55 3.38 34.85
N TYR B 388 -18.80 2.78 33.69
CA TYR B 388 -20.13 2.86 33.06
C TYR B 388 -20.93 1.56 33.10
N LYS B 389 -20.27 0.43 33.34
CA LYS B 389 -20.97 -0.85 33.46
C LYS B 389 -21.16 -1.21 34.93
N LEU B 390 -20.15 -0.93 35.74
CA LEU B 390 -20.23 -1.16 37.19
C LEU B 390 -20.72 0.08 37.91
N GLY B 391 -20.69 1.22 37.22
CA GLY B 391 -21.17 2.47 37.81
C GLY B 391 -20.25 2.98 38.90
N ILE B 392 -18.99 2.56 38.87
CA ILE B 392 -18.02 2.97 39.88
C ILE B 392 -17.49 4.36 39.54
N ARG B 393 -17.90 5.34 40.34
CA ARG B 393 -17.66 6.75 40.04
C ARG B 393 -16.17 7.11 40.00
N ASP B 394 -15.42 6.64 41.00
CA ASP B 394 -14.03 7.05 41.16
C ASP B 394 -13.04 5.95 40.78
N ALA B 395 -12.36 6.16 39.66
CA ALA B 395 -11.37 5.21 39.14
C ALA B 395 -10.01 5.88 38.99
N VAL B 396 -8.97 5.24 39.50
CA VAL B 396 -7.60 5.74 39.39
C VAL B 396 -6.69 4.64 38.87
N SER B 397 -5.62 5.02 38.19
CA SER B 397 -4.66 4.08 37.63
C SER B 397 -3.27 4.45 38.10
N ALA B 398 -2.90 3.96 39.28
CA ALA B 398 -1.58 4.24 39.85
C ALA B 398 -1.20 3.19 40.88
N ILE B 399 -0.05 3.37 41.52
CA ILE B 399 0.49 2.40 42.47
C ILE B 399 0.87 1.11 41.75
N ILE B 415 12.52 -4.14 35.81
CA ILE B 415 11.97 -3.57 37.02
C ILE B 415 12.96 -3.70 38.18
N LYS B 416 13.21 -2.59 38.86
CA LYS B 416 14.13 -2.59 40.00
C LYS B 416 13.45 -3.19 41.23
N ILE B 417 14.22 -3.90 42.04
CA ILE B 417 13.70 -4.53 43.24
C ILE B 417 13.24 -3.46 44.23
N ASP B 418 13.90 -2.31 44.22
CA ASP B 418 13.56 -1.22 45.12
C ASP B 418 12.23 -0.57 44.72
N ASP B 419 11.87 -0.70 43.46
CA ASP B 419 10.61 -0.15 42.97
C ASP B 419 9.43 -0.99 43.44
N TYR B 420 9.59 -2.30 43.41
CA TYR B 420 8.54 -3.21 43.84
C TYR B 420 8.20 -3.01 45.31
N TYR B 421 9.21 -3.07 46.17
CA TYR B 421 9.01 -2.85 47.61
C TYR B 421 8.34 -1.50 47.87
N LYS B 422 8.67 -0.51 47.05
CA LYS B 422 8.04 0.80 47.15
C LYS B 422 6.57 0.70 46.81
N ALA B 423 6.26 -0.06 45.76
CA ALA B 423 4.88 -0.27 45.33
C ALA B 423 4.09 -0.96 46.44
N ILE B 424 4.76 -1.83 47.19
CA ILE B 424 4.12 -2.52 48.31
C ILE B 424 3.77 -1.52 49.40
N LYS B 425 4.75 -0.68 49.76
CA LYS B 425 4.55 0.32 50.81
C LYS B 425 3.54 1.37 50.36
N HIS B 426 3.60 1.74 49.08
CA HIS B 426 2.69 2.72 48.54
C HIS B 426 1.26 2.19 48.60
N THR B 427 1.10 0.91 48.30
CA THR B 427 -0.20 0.25 48.42
C THR B 427 -0.67 0.31 49.86
N GLU B 428 0.19 -0.15 50.78
CA GLU B 428 -0.12 -0.17 52.20
C GLU B 428 -0.61 1.19 52.69
N GLU B 429 0.16 2.24 52.44
CA GLU B 429 -0.17 3.58 52.91
C GLU B 429 -1.52 4.06 52.37
N PHE B 430 -1.86 3.63 51.16
CA PHE B 430 -3.12 4.03 50.55
C PHE B 430 -4.30 3.31 51.19
N LEU B 431 -4.15 2.01 51.39
CA LEU B 431 -5.22 1.19 51.98
C LEU B 431 -5.54 1.63 53.40
N LYS B 432 -4.58 2.30 54.04
CA LYS B 432 -4.75 2.78 55.41
C LYS B 432 -5.34 4.17 55.44
N LEU B 433 -5.02 4.98 54.44
CA LEU B 433 -5.42 6.38 54.39
C LEU B 433 -6.77 6.58 53.70
N TYR B 434 -7.14 5.63 52.86
CA TYR B 434 -8.39 5.73 52.09
C TYR B 434 -9.64 5.60 52.96
N PRO B 435 -9.66 4.65 53.90
CA PRO B 435 -10.84 4.51 54.76
C PRO B 435 -11.09 5.74 55.64
N ILE B 436 -10.02 6.36 56.12
CA ILE B 436 -10.13 7.48 57.05
C ILE B 436 -10.32 8.83 56.34
N LEU B 437 -10.10 8.85 55.02
CA LEU B 437 -10.34 10.05 54.23
C LEU B 437 -11.81 10.18 53.86
ZN ZN C . 6.79 -6.26 -25.73
S SO4 D . 3.21 -0.99 -21.53
O1 SO4 D . 3.25 -1.27 -20.10
O2 SO4 D . 4.48 -1.38 -22.16
O3 SO4 D . 2.02 -1.67 -22.03
O4 SO4 D . 3.03 0.45 -21.76
S SO4 E . 22.42 -14.04 -16.82
O1 SO4 E . 23.64 -13.99 -16.02
O2 SO4 E . 22.62 -14.92 -17.96
O3 SO4 E . 21.32 -14.55 -16.00
O4 SO4 E . 22.10 -12.69 -17.28
S SO4 F . 13.77 20.06 -7.80
O1 SO4 F . 13.01 19.14 -6.95
O2 SO4 F . 14.45 19.28 -8.84
O3 SO4 F . 12.85 21.03 -8.40
O4 SO4 F . 14.77 20.75 -7.00
S SO4 G . -7.21 21.18 4.13
O1 SO4 G . -6.22 20.11 4.15
O2 SO4 G . -7.19 21.83 2.81
O3 SO4 G . -8.55 20.63 4.37
O4 SO4 G . -6.89 22.17 5.16
S SO4 H . -17.54 7.43 -12.68
O1 SO4 H . -17.12 6.03 -12.77
O2 SO4 H . -18.46 7.73 -13.77
O3 SO4 H . -18.20 7.65 -11.40
O4 SO4 H . -16.36 8.30 -12.78
C1 GOL I . -13.96 17.28 -7.20
O1 GOL I . -14.22 17.39 -8.58
C2 GOL I . -12.51 16.87 -6.99
O2 GOL I . -11.67 18.00 -6.92
C3 GOL I . -12.35 16.04 -5.73
O3 GOL I . -12.18 14.69 -6.11
H11 GOL I . -14.63 16.54 -6.76
H12 GOL I . -14.16 18.24 -6.71
HO1 GOL I . -15.16 17.59 -8.73
H2 GOL I . -12.21 16.26 -7.84
HO2 GOL I . -11.91 18.54 -6.13
H31 GOL I . -13.24 16.15 -5.10
H32 GOL I . -11.48 16.38 -5.17
HO3 GOL I . -13.03 14.22 -6.02
#